data_6IJ7
#
_entry.id   6IJ7
#
_cell.length_a   80.647
_cell.length_b   80.647
_cell.length_c   340.192
_cell.angle_alpha   90.000
_cell.angle_beta   90.000
_cell.angle_gamma   90.000
#
_symmetry.space_group_name_H-M   'I 41'
#
loop_
_entity.id
_entity.type
_entity.pdbx_description
1 polymer 'Rhamnosyltransferase protein'
2 non-polymer GLYCEROL
3 non-polymer 1,2-ETHANEDIOL
4 water water
#
_entity_poly.entity_id   1
_entity_poly.type   'polypeptide(L)'
_entity_poly.pdbx_seq_one_letter_code
;MTTTTTKKPHVLVIPFPQSGHMVPHLDLTHQILLRGATVTVLVTPKNSSYLDALRSLHSPEHFKTLILPFPSHPCIPSGV
ESLQQLPLEAIVHMFDALSRLHDPLVDFLSRQPPSDLPDAILGSSFLSPWINKVADAFSIKSISFLPINAHSISVMWAQE
DRSFFNDLETATTESYGLVINSFYDLEPEFVETVKTRFLNHHRIWTVGPLLPFKAGVDRGGQSSIPPAKVSAWLDSCPED
NSVVYVGFGSQIRLTAEQTAALAAALEKSSVRFIWAVRDAAKKVNSSDNSVEEDVIPAGFEERVKEKGLVIRGWAPQTMI
LEHRAVGSYLTHLGWGSVLEGMVGGVMLLAWPMQADHFFNTTLIVDKLRAAVRVGENRDSVPDSDKLARILAESAREDLP
ERVTLMKLREKAMEAIKEGGSSYKNLDELVAEMCL
;
_entity_poly.pdbx_strand_id   A,B
#
# COMPACT_ATOMS: atom_id res chain seq x y z
N LYS A 7 12.21 -6.58 -32.57
CA LYS A 7 13.28 -5.79 -31.97
C LYS A 7 13.55 -6.16 -30.51
N LYS A 8 14.82 -6.47 -30.21
CA LYS A 8 15.22 -6.84 -28.86
C LYS A 8 16.39 -5.98 -28.41
N PRO A 9 16.43 -5.61 -27.12
CA PRO A 9 17.36 -4.57 -26.67
C PRO A 9 18.74 -5.11 -26.35
N HIS A 10 19.73 -4.22 -26.44
CA HIS A 10 21.07 -4.45 -25.86
C HIS A 10 21.13 -3.68 -24.55
N VAL A 11 21.62 -4.33 -23.51
CA VAL A 11 21.50 -3.87 -22.13
C VAL A 11 22.88 -3.90 -21.47
N LEU A 12 23.35 -2.76 -21.00
CA LEU A 12 24.58 -2.74 -20.20
C LEU A 12 24.21 -3.05 -18.74
N VAL A 13 24.69 -4.18 -18.24
CA VAL A 13 24.43 -4.57 -16.86
C VAL A 13 25.62 -4.22 -15.99
N ILE A 14 25.36 -3.51 -14.91
CA ILE A 14 26.41 -3.03 -14.00
C ILE A 14 26.04 -3.48 -12.58
N PRO A 15 26.42 -4.67 -12.17
CA PRO A 15 26.03 -5.16 -10.84
C PRO A 15 26.90 -4.62 -9.71
N PHE A 16 26.38 -4.73 -8.45
CA PHE A 16 27.13 -4.32 -7.27
C PHE A 16 27.92 -5.50 -6.70
N PRO A 17 29.20 -5.33 -6.36
CA PRO A 17 30.03 -6.50 -5.98
C PRO A 17 29.82 -6.94 -4.53
N GLN A 18 28.58 -7.28 -4.19
CA GLN A 18 28.34 -8.08 -2.99
C GLN A 18 27.34 -9.16 -3.38
N SER A 19 27.46 -10.34 -2.78
CA SER A 19 26.76 -11.48 -3.37
C SER A 19 25.24 -11.37 -3.21
N GLY A 20 24.76 -10.76 -2.12
CA GLY A 20 23.34 -10.55 -1.99
C GLY A 20 22.73 -9.79 -3.15
N HIS A 21 23.56 -8.97 -3.82
CA HIS A 21 23.20 -8.19 -5.01
C HIS A 21 23.54 -8.92 -6.28
N MET A 22 24.78 -9.43 -6.34
CA MET A 22 25.35 -9.93 -7.58
C MET A 22 24.55 -11.10 -8.15
N VAL A 23 24.23 -12.08 -7.30
CA VAL A 23 23.64 -13.33 -7.77
C VAL A 23 22.24 -13.09 -8.31
N PRO A 24 21.34 -12.39 -7.60
CA PRO A 24 20.04 -12.09 -8.24
C PRO A 24 20.19 -11.19 -9.44
N HIS A 25 21.11 -10.23 -9.42
CA HIS A 25 21.31 -9.39 -10.59
C HIS A 25 21.78 -10.19 -11.80
N LEU A 26 22.55 -11.25 -11.59
CA LEU A 26 22.92 -12.10 -12.71
C LEU A 26 21.83 -13.10 -13.06
N ASP A 27 21.01 -13.49 -12.08
CA ASP A 27 19.84 -14.30 -12.39
C ASP A 27 18.87 -13.53 -13.26
N LEU A 28 18.76 -12.23 -13.02
CA LEU A 28 17.86 -11.41 -13.81
C LEU A 28 18.43 -11.19 -15.21
N THR A 29 19.76 -11.05 -15.33
CA THR A 29 20.38 -10.97 -16.65
C THR A 29 20.12 -12.24 -17.46
N HIS A 30 20.22 -13.41 -16.81
CA HIS A 30 19.84 -14.64 -17.50
C HIS A 30 18.39 -14.57 -17.99
N GLN A 31 17.48 -14.08 -17.12
CA GLN A 31 16.07 -13.92 -17.49
C GLN A 31 15.96 -13.04 -18.74
N ILE A 32 16.68 -11.94 -18.75
CA ILE A 32 16.64 -11.01 -19.87
C ILE A 32 17.14 -11.69 -21.14
N LEU A 33 18.19 -12.50 -21.01
CA LEU A 33 18.79 -13.11 -22.20
C LEU A 33 17.88 -14.18 -22.78
N LEU A 34 17.09 -14.83 -21.93
CA LEU A 34 16.11 -15.79 -22.41
C LEU A 34 15.05 -15.11 -23.25
N ARG A 35 14.73 -13.86 -22.94
CA ARG A 35 13.72 -13.12 -23.69
C ARG A 35 14.29 -12.44 -24.92
N GLY A 36 15.52 -12.77 -25.32
CA GLY A 36 16.06 -12.33 -26.58
C GLY A 36 17.00 -11.15 -26.52
N ALA A 37 17.25 -10.58 -25.35
CA ALA A 37 18.17 -9.46 -25.30
C ALA A 37 19.60 -9.91 -25.55
N THR A 38 20.44 -8.93 -25.84
CA THR A 38 21.89 -9.09 -25.81
C THR A 38 22.39 -8.15 -24.73
N VAL A 39 23.28 -8.65 -23.85
CA VAL A 39 23.77 -7.85 -22.74
C VAL A 39 25.29 -7.85 -22.78
N THR A 40 25.88 -6.78 -22.29
CA THR A 40 27.28 -6.80 -21.86
C THR A 40 27.32 -6.45 -20.38
N VAL A 41 28.11 -7.21 -19.63
CA VAL A 41 28.25 -7.03 -18.19
C VAL A 41 29.58 -6.35 -17.87
N LEU A 42 29.51 -5.22 -17.20
CA LEU A 42 30.68 -4.53 -16.69
C LEU A 42 31.01 -5.04 -15.30
N VAL A 43 32.22 -5.50 -15.11
CA VAL A 43 32.68 -5.93 -13.82
C VAL A 43 34.09 -5.59 -13.60
N THR A 44 34.46 -5.67 -12.36
CA THR A 44 35.81 -5.53 -11.94
C THR A 44 36.51 -6.85 -12.02
N PRO A 45 37.90 -6.77 -12.11
CA PRO A 45 38.55 -8.02 -12.48
C PRO A 45 38.39 -9.18 -11.57
N LYS A 46 38.38 -8.99 -10.27
CA LYS A 46 38.28 -10.10 -9.37
C LYS A 46 36.88 -10.65 -9.35
N ASN A 47 35.96 -10.01 -10.05
CA ASN A 47 34.59 -10.51 -10.15
C ASN A 47 34.28 -11.16 -11.49
N SER A 48 35.26 -11.28 -12.39
CA SER A 48 34.97 -11.87 -13.69
C SER A 48 34.53 -13.33 -13.57
N SER A 49 35.10 -14.05 -12.59
CA SER A 49 34.72 -15.46 -12.40
C SER A 49 33.22 -15.62 -12.15
N TYR A 50 32.62 -14.66 -11.43
CA TYR A 50 31.17 -14.73 -11.19
C TYR A 50 30.40 -14.98 -12.49
N LEU A 51 30.87 -14.40 -13.61
CA LEU A 51 30.15 -14.48 -14.87
C LEU A 51 30.34 -15.80 -15.59
N ASP A 52 30.92 -16.80 -14.92
CA ASP A 52 31.26 -18.02 -15.64
C ASP A 52 30.01 -18.80 -16.00
N ALA A 53 29.02 -18.79 -15.11
CA ALA A 53 27.79 -19.53 -15.39
C ALA A 53 27.11 -18.98 -16.63
N LEU A 54 26.87 -17.66 -16.65
CA LEU A 54 26.32 -16.99 -17.81
C LEU A 54 27.09 -17.32 -19.08
N ARG A 55 28.43 -17.26 -19.00
CA ARG A 55 29.25 -17.47 -20.20
C ARG A 55 29.05 -18.86 -20.78
N SER A 56 28.81 -19.84 -19.91
CA SER A 56 28.58 -21.21 -20.38
C SER A 56 27.23 -21.39 -21.05
N LEU A 57 26.30 -20.45 -20.88
CA LEU A 57 24.92 -20.64 -21.33
C LEU A 57 24.54 -19.87 -22.59
N HIS A 58 25.14 -18.70 -22.83
CA HIS A 58 24.90 -17.95 -24.04
C HIS A 58 26.22 -17.63 -24.72
N SER A 59 26.16 -17.51 -26.05
CA SER A 59 27.36 -17.30 -26.86
C SER A 59 27.95 -15.92 -26.61
N PRO A 60 29.19 -15.68 -27.08
CA PRO A 60 29.68 -14.30 -27.14
C PRO A 60 28.85 -13.41 -28.05
N GLU A 61 28.10 -14.02 -28.98
CA GLU A 61 27.16 -13.28 -29.80
C GLU A 61 26.21 -12.46 -28.94
N HIS A 62 25.56 -13.10 -27.96
CA HIS A 62 24.57 -12.44 -27.11
C HIS A 62 25.12 -11.92 -25.79
N PHE A 63 26.25 -12.45 -25.30
CA PHE A 63 26.73 -12.15 -23.95
C PHE A 63 28.18 -11.71 -24.00
N LYS A 64 28.48 -10.55 -23.40
CA LYS A 64 29.78 -9.92 -23.52
C LYS A 64 30.26 -9.43 -22.16
N THR A 65 31.55 -9.54 -21.88
CA THR A 65 32.13 -8.99 -20.67
C THR A 65 32.89 -7.71 -20.98
N LEU A 66 32.81 -6.75 -20.05
CA LEU A 66 33.59 -5.53 -20.08
C LEU A 66 34.26 -5.45 -18.71
N ILE A 67 35.52 -5.84 -18.64
CA ILE A 67 36.28 -5.81 -17.40
C ILE A 67 37.08 -4.52 -17.36
N LEU A 68 36.86 -3.73 -16.32
CA LEU A 68 37.63 -2.52 -16.13
C LEU A 68 38.47 -2.64 -14.87
N PRO A 69 39.66 -2.06 -14.84
CA PRO A 69 40.45 -2.11 -13.61
C PRO A 69 39.70 -1.48 -12.44
N PHE A 70 39.82 -2.11 -11.28
CA PHE A 70 39.21 -1.60 -10.06
C PHE A 70 39.96 -0.35 -9.63
N PRO A 71 39.30 0.80 -9.54
CA PRO A 71 39.99 2.02 -9.12
C PRO A 71 40.49 1.92 -7.69
N SER A 72 41.63 2.53 -7.41
CA SER A 72 42.16 2.36 -6.07
C SER A 72 41.55 3.34 -5.09
N HIS A 73 41.84 3.10 -3.81
CA HIS A 73 41.27 3.81 -2.68
C HIS A 73 42.08 3.35 -1.48
N PRO A 74 42.61 4.27 -0.67
CA PRO A 74 43.56 3.86 0.37
C PRO A 74 42.90 3.15 1.56
N CYS A 75 41.58 3.16 1.65
CA CYS A 75 40.85 2.53 2.74
C CYS A 75 40.36 1.13 2.38
N ILE A 76 40.78 0.60 1.25
CA ILE A 76 40.46 -0.75 0.83
C ILE A 76 41.78 -1.48 0.62
N PRO A 77 41.98 -2.64 1.23
CA PRO A 77 43.25 -3.37 1.02
C PRO A 77 43.30 -3.96 -0.39
N SER A 78 44.52 -4.20 -0.87
CA SER A 78 44.68 -4.52 -2.29
C SER A 78 44.09 -5.90 -2.62
N GLY A 79 43.77 -6.08 -3.90
CA GLY A 79 43.13 -7.30 -4.32
C GLY A 79 41.77 -7.54 -3.71
N VAL A 80 41.24 -6.56 -2.96
CA VAL A 80 39.88 -6.61 -2.44
C VAL A 80 39.00 -5.78 -3.35
N GLU A 81 38.03 -6.42 -3.99
CA GLU A 81 37.19 -5.79 -4.99
C GLU A 81 35.72 -6.12 -4.77
N SER A 82 35.38 -6.61 -3.58
CA SER A 82 34.04 -7.11 -3.28
C SER A 82 33.81 -7.02 -1.77
N LEU A 83 32.54 -6.83 -1.37
CA LEU A 83 32.22 -6.55 0.02
C LEU A 83 32.30 -7.76 0.95
N GLN A 84 32.37 -8.98 0.40
CA GLN A 84 32.52 -10.16 1.25
C GLN A 84 33.75 -10.08 2.12
N GLN A 85 34.74 -9.26 1.75
CA GLN A 85 36.06 -9.32 2.34
C GLN A 85 36.39 -8.16 3.28
N LEU A 86 35.44 -7.29 3.60
CA LEU A 86 35.78 -6.13 4.41
C LEU A 86 34.54 -5.71 5.20
N PRO A 87 34.71 -4.89 6.26
CA PRO A 87 33.61 -4.69 7.22
C PRO A 87 32.49 -3.80 6.68
N LEU A 88 31.35 -3.89 7.38
CA LEU A 88 30.13 -3.25 6.90
C LEU A 88 30.29 -1.74 6.72
N GLU A 89 31.21 -1.10 7.48
CA GLU A 89 31.42 0.34 7.28
C GLU A 89 31.97 0.63 5.89
N ALA A 90 32.89 -0.20 5.39
CA ALA A 90 33.62 0.17 4.19
C ALA A 90 32.75 0.22 2.93
N ILE A 91 31.46 -0.12 3.02
CA ILE A 91 30.54 0.09 1.90
C ILE A 91 30.70 1.49 1.31
N VAL A 92 30.94 2.50 2.17
CA VAL A 92 31.10 3.86 1.66
C VAL A 92 32.39 3.98 0.87
N HIS A 93 33.41 3.21 1.24
CA HIS A 93 34.64 3.23 0.46
C HIS A 93 34.43 2.56 -0.89
N MET A 94 33.65 1.46 -0.93
CA MET A 94 33.39 0.83 -2.21
C MET A 94 32.53 1.71 -3.11
N PHE A 95 31.64 2.54 -2.55
CA PHE A 95 30.94 3.53 -3.36
C PHE A 95 31.92 4.50 -4.00
N ASP A 96 32.90 4.97 -3.23
CA ASP A 96 33.83 5.98 -3.71
C ASP A 96 34.70 5.41 -4.82
N ALA A 97 35.24 4.21 -4.60
CA ALA A 97 36.07 3.55 -5.60
C ALA A 97 35.29 3.32 -6.90
N LEU A 98 34.09 2.75 -6.83
CA LEU A 98 33.45 2.40 -8.07
C LEU A 98 32.85 3.59 -8.78
N SER A 99 32.70 4.72 -8.09
CA SER A 99 32.29 5.93 -8.78
C SER A 99 33.36 6.39 -9.77
N ARG A 100 34.60 5.93 -9.60
CA ARG A 100 35.67 6.31 -10.50
C ARG A 100 35.79 5.40 -11.72
N LEU A 101 34.83 4.49 -11.89
CA LEU A 101 34.60 3.88 -13.19
C LEU A 101 33.78 4.78 -14.11
N HIS A 102 33.32 5.93 -13.62
CA HIS A 102 32.58 6.85 -14.47
C HIS A 102 33.36 7.17 -15.74
N ASP A 103 34.59 7.68 -15.58
CA ASP A 103 35.36 8.10 -16.75
C ASP A 103 35.74 6.93 -17.64
N PRO A 104 36.29 5.83 -17.14
CA PRO A 104 36.49 4.67 -18.02
C PRO A 104 35.21 4.24 -18.75
N LEU A 105 34.04 4.35 -18.13
CA LEU A 105 32.88 3.82 -18.83
C LEU A 105 32.42 4.74 -19.95
N VAL A 106 32.40 6.06 -19.71
CA VAL A 106 32.09 6.98 -20.80
C VAL A 106 33.10 6.83 -21.95
N ASP A 107 34.38 6.59 -21.65
CA ASP A 107 35.33 6.49 -22.76
C ASP A 107 35.08 5.24 -23.56
N PHE A 108 34.60 4.18 -22.92
CA PHE A 108 34.30 2.96 -23.65
C PHE A 108 33.10 3.15 -24.57
N LEU A 109 32.04 3.78 -24.07
CA LEU A 109 30.82 3.94 -24.85
C LEU A 109 31.00 4.97 -25.94
N SER A 110 31.93 5.91 -25.75
CA SER A 110 32.07 6.96 -26.74
C SER A 110 32.74 6.45 -28.00
N ARG A 111 33.37 5.27 -27.93
CA ARG A 111 34.10 4.67 -29.03
C ARG A 111 33.20 3.78 -29.87
N GLN A 112 32.21 3.14 -29.25
CA GLN A 112 31.28 2.26 -29.96
C GLN A 112 30.64 2.97 -31.16
N PRO A 113 30.33 2.24 -32.23
CA PRO A 113 29.44 2.79 -33.24
C PRO A 113 28.10 3.10 -32.58
N PRO A 114 27.51 4.27 -32.88
CA PRO A 114 26.29 4.68 -32.12
C PRO A 114 25.18 3.64 -32.21
N SER A 115 25.11 2.89 -33.30
CA SER A 115 24.23 1.72 -33.37
C SER A 115 24.49 0.76 -32.22
N ASP A 116 25.76 0.40 -31.95
CA ASP A 116 25.97 -0.59 -30.91
C ASP A 116 25.63 -0.10 -29.50
N LEU A 117 25.34 1.19 -29.29
CA LEU A 117 25.22 1.57 -27.89
C LEU A 117 23.96 0.99 -27.28
N PRO A 118 23.96 0.80 -25.96
CA PRO A 118 22.88 0.09 -25.30
C PRO A 118 21.54 0.80 -25.44
N ASP A 119 20.50 0.00 -25.53
CA ASP A 119 19.15 0.53 -25.41
C ASP A 119 18.87 0.96 -23.98
N ALA A 120 19.55 0.34 -23.02
CA ALA A 120 19.35 0.65 -21.61
C ALA A 120 20.55 0.17 -20.80
N ILE A 121 20.76 0.83 -19.66
CA ILE A 121 21.64 0.36 -18.59
C ILE A 121 20.76 -0.25 -17.51
N LEU A 122 21.10 -1.47 -17.09
CA LEU A 122 20.42 -2.09 -15.96
C LEU A 122 21.50 -2.33 -14.91
N GLY A 123 21.75 -1.30 -14.09
CA GLY A 123 22.77 -1.34 -13.07
C GLY A 123 22.16 -1.26 -11.69
N SER A 124 22.98 -1.60 -10.71
CA SER A 124 22.58 -1.57 -9.31
C SER A 124 22.04 -0.21 -8.94
N SER A 125 20.96 -0.21 -8.16
CA SER A 125 20.52 1.01 -7.53
C SER A 125 21.63 1.65 -6.69
N PHE A 126 22.54 0.83 -6.15
CA PHE A 126 23.63 1.34 -5.31
C PHE A 126 24.66 2.16 -6.08
N LEU A 127 24.76 1.97 -7.39
CA LEU A 127 25.73 2.70 -8.19
C LEU A 127 25.08 3.80 -9.01
N SER A 128 23.78 4.02 -8.79
CA SER A 128 23.02 4.96 -9.61
C SER A 128 23.53 6.41 -9.62
N PRO A 129 24.10 6.97 -8.54
CA PRO A 129 24.57 8.37 -8.64
C PRO A 129 25.48 8.63 -9.84
N TRP A 130 26.46 7.76 -10.11
CA TRP A 130 27.25 7.99 -11.31
C TRP A 130 26.67 7.32 -12.55
N ILE A 131 26.01 6.17 -12.42
CA ILE A 131 25.46 5.51 -13.62
C ILE A 131 24.46 6.43 -14.31
N ASN A 132 23.62 7.12 -13.54
CA ASN A 132 22.63 8.00 -14.13
C ASN A 132 23.28 9.13 -14.90
N LYS A 133 24.42 9.64 -14.41
CA LYS A 133 25.16 10.64 -15.17
C LYS A 133 25.68 10.08 -16.48
N VAL A 134 26.15 8.82 -16.46
CA VAL A 134 26.61 8.20 -17.70
C VAL A 134 25.44 8.04 -18.66
N ALA A 135 24.31 7.54 -18.14
CA ALA A 135 23.13 7.32 -18.97
C ALA A 135 22.63 8.62 -19.59
N ASP A 136 22.50 9.66 -18.76
CA ASP A 136 22.09 10.96 -19.28
C ASP A 136 23.04 11.45 -20.37
N ALA A 137 24.35 11.29 -20.15
CA ALA A 137 25.30 11.79 -21.13
C ALA A 137 25.02 11.19 -22.50
N PHE A 138 24.63 9.93 -22.53
CA PHE A 138 24.35 9.26 -23.79
C PHE A 138 22.86 9.19 -24.06
N SER A 139 22.05 9.84 -23.23
CA SER A 139 20.59 9.76 -23.29
C SER A 139 20.14 8.31 -23.46
N ILE A 140 20.56 7.50 -22.49
CA ILE A 140 20.15 6.11 -22.37
C ILE A 140 19.26 5.95 -21.13
N LYS A 141 18.28 5.04 -21.25
CA LYS A 141 17.51 4.53 -20.12
C LYS A 141 18.39 4.02 -18.99
N SER A 142 18.14 4.49 -17.77
CA SER A 142 18.85 4.02 -16.58
C SER A 142 17.85 3.36 -15.61
N ILE A 143 17.78 2.03 -15.64
CA ILE A 143 16.89 1.25 -14.79
C ILE A 143 17.72 0.68 -13.63
N SER A 144 17.28 0.92 -12.41
CA SER A 144 18.03 0.46 -11.25
C SER A 144 17.56 -0.92 -10.81
N PHE A 145 18.41 -1.60 -10.03
CA PHE A 145 18.09 -2.90 -9.49
C PHE A 145 18.36 -2.93 -7.98
N LEU A 146 17.55 -3.72 -7.26
CA LEU A 146 17.65 -3.92 -5.81
C LEU A 146 17.39 -5.38 -5.47
N PRO A 147 18.22 -6.03 -4.65
CA PRO A 147 17.88 -7.38 -4.17
C PRO A 147 16.99 -7.39 -2.93
N ILE A 148 16.60 -6.22 -2.42
CA ILE A 148 15.74 -6.11 -1.25
C ILE A 148 14.31 -5.85 -1.67
N ASN A 149 13.38 -6.00 -0.73
CA ASN A 149 11.96 -5.93 -1.09
C ASN A 149 11.39 -4.53 -0.86
N ALA A 150 10.14 -4.34 -1.34
CA ALA A 150 9.51 -3.02 -1.33
C ALA A 150 9.26 -2.52 0.09
N HIS A 151 8.96 -3.41 1.02
CA HIS A 151 8.82 -3.01 2.42
C HIS A 151 10.11 -2.36 2.91
N SER A 152 11.26 -3.00 2.63
CA SER A 152 12.54 -2.45 3.04
C SER A 152 12.82 -1.12 2.35
N ILE A 153 12.62 -1.07 1.03
CA ILE A 153 12.77 0.21 0.33
C ILE A 153 11.89 1.29 0.97
N SER A 154 10.63 0.92 1.26
CA SER A 154 9.72 1.83 1.95
C SER A 154 10.33 2.42 3.21
N VAL A 155 10.73 1.55 4.15
CA VAL A 155 11.23 2.06 5.43
C VAL A 155 12.52 2.88 5.24
N MET A 156 13.42 2.42 4.36
CA MET A 156 14.69 3.10 4.16
C MET A 156 14.51 4.47 3.51
N TRP A 157 13.81 4.51 2.37
CA TRP A 157 13.68 5.79 1.66
C TRP A 157 12.97 6.85 2.51
N ALA A 158 12.16 6.44 3.48
CA ALA A 158 11.43 7.41 4.29
C ALA A 158 12.25 8.02 5.41
N GLN A 159 13.45 7.51 5.68
CA GLN A 159 14.25 8.01 6.79
C GLN A 159 14.63 9.46 6.55
N GLU A 160 14.48 10.31 7.57
CA GLU A 160 14.85 11.70 7.30
C GLU A 160 16.36 11.86 7.18
N ASP A 161 17.14 10.97 7.79
CA ASP A 161 18.59 10.95 7.64
C ASP A 161 18.93 9.66 6.94
N ARG A 162 19.18 9.73 5.65
CA ARG A 162 19.49 8.52 4.93
C ARG A 162 20.99 8.23 4.94
N SER A 163 21.74 8.95 5.79
CA SER A 163 23.19 8.78 5.96
C SER A 163 23.84 8.88 4.58
N PHE A 164 24.76 7.97 4.23
CA PHE A 164 25.43 8.08 2.94
C PHE A 164 24.68 7.33 1.84
N PHE A 165 23.53 6.75 2.17
CA PHE A 165 22.67 6.21 1.14
C PHE A 165 21.85 7.31 0.50
N ASN A 166 22.06 8.55 0.93
CA ASN A 166 21.21 9.63 0.46
C ASN A 166 21.35 9.81 -1.05
N ASP A 167 22.58 9.83 -1.56
CA ASP A 167 22.79 10.00 -3.00
C ASP A 167 22.18 8.85 -3.81
N LEU A 168 22.45 7.60 -3.42
CA LEU A 168 21.96 6.49 -4.23
C LEU A 168 20.45 6.31 -4.11
N GLU A 169 19.89 6.58 -2.94
CA GLU A 169 18.44 6.58 -2.81
C GLU A 169 17.83 7.70 -3.66
N THR A 170 18.37 8.92 -3.55
CA THR A 170 17.91 9.99 -4.43
C THR A 170 18.08 9.63 -5.90
N ALA A 171 19.26 9.10 -6.27
CA ALA A 171 19.50 8.75 -7.66
C ALA A 171 18.56 7.64 -8.10
N THR A 172 18.30 6.68 -7.23
CA THR A 172 17.34 5.64 -7.59
C THR A 172 15.93 6.22 -7.83
N THR A 173 15.51 7.18 -7.01
CA THR A 173 14.23 7.86 -7.23
C THR A 173 14.19 8.60 -8.57
N GLU A 174 15.35 9.00 -9.08
CA GLU A 174 15.43 9.73 -10.35
C GLU A 174 15.63 8.83 -11.57
N SER A 175 15.78 7.53 -11.37
CA SER A 175 16.11 6.67 -12.50
C SER A 175 14.87 6.45 -13.38
N TYR A 176 15.06 5.76 -14.49
CA TYR A 176 13.93 5.48 -15.39
C TYR A 176 12.91 4.58 -14.73
N GLY A 177 13.33 3.78 -13.74
CA GLY A 177 12.47 2.78 -13.14
C GLY A 177 13.33 1.87 -12.29
N LEU A 178 12.67 0.95 -11.59
CA LEU A 178 13.36 0.13 -10.61
C LEU A 178 12.87 -1.31 -10.67
N VAL A 179 13.80 -2.24 -10.72
CA VAL A 179 13.52 -3.67 -10.70
C VAL A 179 13.91 -4.17 -9.32
N ILE A 180 13.04 -4.99 -8.69
CA ILE A 180 13.33 -5.54 -7.38
C ILE A 180 13.04 -7.04 -7.35
N ASN A 181 13.74 -7.73 -6.43
CA ASN A 181 13.65 -9.18 -6.29
C ASN A 181 12.59 -9.55 -5.24
N SER A 182 11.34 -9.29 -5.62
CA SER A 182 10.18 -9.63 -4.81
C SER A 182 9.04 -9.93 -5.78
N PHE A 183 7.92 -10.40 -5.25
CA PHE A 183 6.72 -10.57 -6.08
C PHE A 183 5.56 -9.82 -5.44
N TYR A 184 4.67 -9.34 -6.31
CA TYR A 184 3.66 -8.36 -5.94
C TYR A 184 2.77 -8.84 -4.79
N ASP A 185 2.21 -10.04 -4.90
CA ASP A 185 1.23 -10.51 -3.93
C ASP A 185 1.80 -10.69 -2.54
N LEU A 186 3.12 -10.57 -2.37
CA LEU A 186 3.72 -10.72 -1.06
C LEU A 186 3.60 -9.44 -0.23
N GLU A 187 3.64 -8.28 -0.87
CA GLU A 187 3.76 -7.01 -0.18
C GLU A 187 3.15 -5.89 -1.04
N PRO A 188 1.92 -6.06 -1.54
CA PRO A 188 1.42 -5.09 -2.52
C PRO A 188 1.28 -3.68 -1.99
N GLU A 189 0.84 -3.49 -0.73
CA GLU A 189 0.88 -2.17 -0.10
C GLU A 189 2.23 -1.51 -0.34
N PHE A 190 3.31 -2.26 -0.10
CA PHE A 190 4.63 -1.67 -0.08
C PHE A 190 5.19 -1.44 -1.47
N VAL A 191 4.83 -2.28 -2.44
CA VAL A 191 5.20 -1.97 -3.82
C VAL A 191 4.53 -0.67 -4.23
N GLU A 192 3.27 -0.48 -3.81
CA GLU A 192 2.56 0.71 -4.25
C GLU A 192 3.07 1.97 -3.54
N THR A 193 3.48 1.87 -2.27
CA THR A 193 4.12 3.04 -1.65
C THR A 193 5.39 3.40 -2.43
N VAL A 194 6.23 2.42 -2.74
CA VAL A 194 7.47 2.76 -3.42
C VAL A 194 7.18 3.38 -4.79
N LYS A 195 6.25 2.78 -5.54
CA LYS A 195 5.95 3.28 -6.88
C LYS A 195 5.46 4.72 -6.86
N THR A 196 4.62 5.08 -5.86
CA THR A 196 4.03 6.42 -5.79
C THR A 196 4.88 7.42 -5.01
N ARG A 197 5.70 6.96 -4.08
CA ARG A 197 6.26 7.86 -3.09
C ARG A 197 7.72 8.10 -3.27
N PHE A 198 8.41 7.23 -4.04
CA PHE A 198 9.85 7.17 -4.05
C PHE A 198 10.43 6.88 -5.43
N LEU A 199 9.61 6.93 -6.49
CA LEU A 199 10.06 6.90 -7.88
C LEU A 199 9.40 8.07 -8.57
N ASN A 200 10.20 8.96 -9.16
CA ASN A 200 9.66 10.17 -9.79
C ASN A 200 8.81 9.83 -11.00
N HIS A 201 9.33 9.04 -11.92
CA HIS A 201 8.44 8.35 -12.83
C HIS A 201 7.85 7.20 -12.01
N HIS A 202 7.06 6.30 -12.55
CA HIS A 202 6.41 5.43 -11.57
C HIS A 202 6.46 4.00 -12.06
N ARG A 203 7.67 3.56 -12.35
CA ARG A 203 7.93 2.28 -12.94
C ARG A 203 8.65 1.42 -11.90
N ILE A 204 7.96 0.42 -11.39
CA ILE A 204 8.56 -0.57 -10.54
C ILE A 204 8.16 -1.93 -11.10
N TRP A 205 9.12 -2.82 -11.24
CA TRP A 205 8.91 -4.16 -11.76
C TRP A 205 9.29 -5.13 -10.66
N THR A 206 8.31 -5.84 -10.11
CA THR A 206 8.62 -6.98 -9.26
C THR A 206 8.80 -8.21 -10.15
N VAL A 207 9.88 -8.93 -9.89
CA VAL A 207 10.46 -9.85 -10.87
C VAL A 207 10.78 -11.14 -10.14
N GLY A 208 10.68 -11.13 -8.82
CA GLY A 208 11.11 -12.23 -8.01
C GLY A 208 10.05 -13.28 -7.82
N PRO A 209 10.41 -14.40 -7.17
CA PRO A 209 11.77 -14.71 -6.71
C PRO A 209 12.73 -15.08 -7.86
N LEU A 210 13.83 -14.35 -8.01
CA LEU A 210 14.82 -14.72 -9.02
C LEU A 210 15.52 -16.02 -8.61
N LEU A 211 15.60 -16.95 -9.52
CA LEU A 211 16.12 -18.24 -9.09
C LEU A 211 17.41 -18.56 -9.83
N PRO A 212 18.32 -19.31 -9.20
CA PRO A 212 19.50 -19.81 -9.89
C PRO A 212 19.15 -20.65 -11.12
N PHE A 213 20.12 -20.71 -12.02
CA PHE A 213 20.02 -21.51 -13.24
C PHE A 213 21.10 -22.60 -13.26
N LYS A 214 21.51 -23.05 -12.08
CA LYS A 214 22.44 -24.16 -11.93
C LYS A 214 21.96 -25.42 -12.67
N SER A 223 34.82 -25.58 -0.22
CA SER A 223 34.10 -26.21 0.88
C SER A 223 34.93 -27.27 1.62
N SER A 224 34.55 -27.59 2.85
CA SER A 224 35.22 -28.64 3.63
C SER A 224 34.65 -30.03 3.36
N ILE A 225 33.36 -30.12 3.03
CA ILE A 225 32.68 -31.36 2.67
C ILE A 225 32.00 -31.14 1.32
N PRO A 226 32.16 -32.06 0.35
CA PRO A 226 31.73 -31.77 -1.02
C PRO A 226 30.22 -31.86 -1.17
N PRO A 227 29.65 -31.16 -2.16
CA PRO A 227 28.18 -31.18 -2.33
C PRO A 227 27.60 -32.56 -2.56
N ALA A 228 28.33 -33.46 -3.22
CA ALA A 228 27.79 -34.79 -3.48
C ALA A 228 27.68 -35.62 -2.20
N LYS A 229 28.46 -35.30 -1.16
CA LYS A 229 28.38 -36.05 0.08
C LYS A 229 27.35 -35.52 1.07
N VAL A 230 27.09 -34.21 1.09
CA VAL A 230 26.01 -33.76 1.97
C VAL A 230 24.70 -34.43 1.59
N SER A 231 24.37 -34.46 0.29
CA SER A 231 23.12 -35.05 -0.17
C SER A 231 23.01 -36.53 0.19
N ALA A 232 24.13 -37.25 0.22
CA ALA A 232 24.07 -38.62 0.71
C ALA A 232 23.69 -38.67 2.18
N TRP A 233 24.11 -37.66 2.96
CA TRP A 233 23.72 -37.63 4.37
C TRP A 233 22.24 -37.24 4.50
N LEU A 234 21.79 -36.32 3.64
CA LEU A 234 20.39 -35.92 3.62
C LEU A 234 19.50 -37.11 3.27
N ASP A 235 19.85 -37.85 2.22
CA ASP A 235 19.10 -39.05 1.86
C ASP A 235 19.23 -40.13 2.94
N SER A 236 20.21 -40.02 3.83
CA SER A 236 20.25 -40.96 4.95
C SER A 236 19.11 -40.71 5.91
N CYS A 237 18.55 -39.51 5.91
CA CYS A 237 17.48 -39.17 6.83
C CYS A 237 16.18 -39.86 6.47
N PRO A 238 15.60 -40.67 7.36
CA PRO A 238 14.40 -41.45 6.97
C PRO A 238 13.15 -40.61 6.89
N GLU A 239 13.01 -39.63 7.77
CA GLU A 239 11.80 -38.85 7.89
C GLU A 239 11.88 -37.68 6.94
N ASP A 240 10.80 -37.44 6.20
CA ASP A 240 10.71 -36.16 5.50
C ASP A 240 10.59 -35.05 6.54
N ASN A 241 11.02 -33.85 6.17
CA ASN A 241 10.61 -32.66 6.92
C ASN A 241 11.09 -32.76 8.38
N SER A 242 12.40 -33.05 8.56
CA SER A 242 12.89 -33.49 9.85
C SER A 242 14.30 -33.04 10.23
N VAL A 243 14.94 -32.18 9.44
CA VAL A 243 16.30 -31.74 9.69
C VAL A 243 16.32 -30.23 9.60
N VAL A 244 17.01 -29.58 10.53
CA VAL A 244 17.02 -28.12 10.64
C VAL A 244 18.38 -27.59 10.17
N TYR A 245 18.36 -26.68 9.21
CA TYR A 245 19.58 -26.12 8.66
C TYR A 245 19.88 -24.77 9.31
N VAL A 246 21.04 -24.66 9.95
CA VAL A 246 21.47 -23.42 10.59
C VAL A 246 22.54 -22.81 9.70
N GLY A 247 22.23 -21.70 9.04
CA GLY A 247 23.22 -21.10 8.16
C GLY A 247 23.23 -19.59 8.14
N PHE A 248 24.21 -18.99 8.82
CA PHE A 248 24.30 -17.55 8.93
C PHE A 248 25.22 -16.96 7.86
N GLY A 249 24.76 -15.86 7.27
CA GLY A 249 25.46 -15.20 6.19
C GLY A 249 26.13 -13.92 6.69
N SER A 250 27.25 -13.58 6.05
CA SER A 250 28.14 -12.46 6.39
C SER A 250 27.39 -11.14 6.57
N GLN A 251 28.03 -10.11 7.17
CA GLN A 251 29.33 -10.20 7.85
C GLN A 251 29.29 -10.90 9.19
N ILE A 252 28.21 -10.67 9.94
CA ILE A 252 28.26 -10.87 11.39
C ILE A 252 28.47 -12.33 11.71
N ARG A 253 29.48 -12.58 12.55
CA ARG A 253 29.92 -13.85 13.11
C ARG A 253 29.43 -13.87 14.54
N LEU A 254 29.33 -15.03 15.15
CA LEU A 254 28.71 -15.03 16.46
C LEU A 254 29.77 -15.02 17.56
N THR A 255 29.38 -14.54 18.74
CA THR A 255 30.36 -14.53 19.82
C THR A 255 30.62 -15.96 20.27
N ALA A 256 31.80 -16.16 20.88
CA ALA A 256 32.05 -17.42 21.57
C ALA A 256 30.91 -17.79 22.52
N GLU A 257 30.23 -16.79 23.10
CA GLU A 257 29.13 -17.06 24.02
C GLU A 257 27.87 -17.45 23.25
N GLN A 258 27.62 -16.76 22.14
CA GLN A 258 26.45 -17.06 21.34
C GLN A 258 26.60 -18.39 20.60
N THR A 259 27.80 -18.62 20.02
CA THR A 259 28.09 -19.90 19.39
C THR A 259 27.93 -21.05 20.38
N ALA A 260 28.36 -20.84 21.62
CA ALA A 260 28.22 -21.89 22.64
C ALA A 260 26.78 -22.08 23.08
N ALA A 261 25.97 -21.02 23.06
CA ALA A 261 24.58 -21.18 23.44
C ALA A 261 23.82 -21.98 22.39
N LEU A 262 23.93 -21.57 21.13
CA LEU A 262 23.28 -22.28 20.04
C LEU A 262 23.77 -23.73 19.94
N ALA A 263 25.05 -23.98 20.20
CA ALA A 263 25.57 -25.34 20.12
C ALA A 263 24.95 -26.24 21.18
N ALA A 264 24.73 -25.70 22.39
CA ALA A 264 24.03 -26.47 23.40
C ALA A 264 22.56 -26.67 23.03
N ALA A 265 21.96 -25.70 22.36
CA ALA A 265 20.58 -25.86 21.90
C ALA A 265 20.46 -27.00 20.90
N LEU A 266 21.33 -27.01 19.88
CA LEU A 266 21.30 -28.07 18.86
C LEU A 266 21.57 -29.44 19.48
N GLU A 267 22.49 -29.51 20.44
CA GLU A 267 22.79 -30.79 21.09
C GLU A 267 21.61 -31.26 21.93
N LYS A 268 21.16 -30.42 22.87
CA LYS A 268 20.08 -30.82 23.77
C LYS A 268 18.79 -31.03 22.99
N SER A 269 18.60 -30.34 21.87
CA SER A 269 17.39 -30.52 21.07
C SER A 269 17.28 -31.94 20.53
N SER A 270 18.42 -32.56 20.19
CA SER A 270 18.50 -33.93 19.64
C SER A 270 17.67 -34.10 18.36
N VAL A 271 17.48 -33.01 17.61
CA VAL A 271 17.06 -33.14 16.21
C VAL A 271 18.28 -33.43 15.35
N ARG A 272 18.05 -33.95 14.15
CA ARG A 272 19.09 -33.96 13.14
C ARG A 272 19.25 -32.54 12.58
N PHE A 273 20.50 -32.10 12.40
CA PHE A 273 20.74 -30.74 11.92
C PHE A 273 21.97 -30.70 11.01
N ILE A 274 22.07 -29.62 10.23
CA ILE A 274 23.27 -29.28 9.47
C ILE A 274 23.66 -27.86 9.84
N TRP A 275 24.79 -27.69 10.49
CA TRP A 275 25.29 -26.38 10.90
C TRP A 275 26.42 -25.95 9.95
N ALA A 276 26.15 -24.93 9.15
CA ALA A 276 27.13 -24.37 8.22
C ALA A 276 27.80 -23.17 8.88
N VAL A 277 29.05 -23.32 9.29
CA VAL A 277 29.85 -22.22 9.85
C VAL A 277 30.86 -21.65 8.84
CA PRO A 297 34.84 -22.59 17.96
C PRO A 297 33.53 -23.26 18.36
N ALA A 298 33.38 -24.55 18.10
CA ALA A 298 32.21 -25.30 18.54
C ALA A 298 32.47 -26.01 19.87
N GLY A 299 33.48 -26.88 19.91
CA GLY A 299 33.91 -27.47 21.17
C GLY A 299 34.47 -28.89 21.16
N PHE A 300 33.81 -29.68 22.03
CA PHE A 300 33.75 -31.13 22.04
C PHE A 300 32.82 -31.71 20.97
N GLU A 301 31.91 -30.90 20.44
CA GLU A 301 30.63 -31.41 19.97
C GLU A 301 30.55 -31.85 18.52
N GLU A 302 31.60 -31.69 17.70
CA GLU A 302 31.47 -32.17 16.33
C GLU A 302 31.27 -33.67 16.26
N ARG A 303 32.03 -34.41 17.08
CA ARG A 303 31.92 -35.87 17.13
C ARG A 303 30.93 -36.33 18.19
N VAL A 304 30.49 -35.44 19.07
CA VAL A 304 29.53 -35.86 20.10
C VAL A 304 28.23 -36.35 19.45
N LYS A 305 27.60 -35.53 18.64
CA LYS A 305 26.28 -35.86 18.11
C LYS A 305 26.36 -36.25 16.63
N GLU A 306 26.25 -37.56 16.36
CA GLU A 306 26.06 -38.02 14.97
C GLU A 306 24.61 -37.86 14.54
N LYS A 307 23.91 -36.91 15.14
CA LYS A 307 22.71 -36.36 14.52
C LYS A 307 23.00 -35.08 13.74
N GLY A 308 24.09 -34.38 14.04
CA GLY A 308 24.41 -33.12 13.39
C GLY A 308 25.64 -33.24 12.51
N LEU A 309 25.69 -32.41 11.47
CA LEU A 309 26.80 -32.37 10.52
C LEU A 309 27.23 -30.91 10.38
N VAL A 310 28.47 -30.62 10.76
CA VAL A 310 29.01 -29.27 10.72
C VAL A 310 29.95 -29.17 9.53
N ILE A 311 29.69 -28.20 8.66
CA ILE A 311 30.47 -28.00 7.45
C ILE A 311 31.12 -26.63 7.52
N ARG A 312 32.41 -26.57 7.20
CA ARG A 312 33.18 -25.34 7.21
C ARG A 312 33.38 -24.85 5.78
N GLY A 313 33.03 -23.59 5.54
CA GLY A 313 33.21 -23.05 4.20
C GLY A 313 31.97 -23.06 3.34
N TRP A 314 32.16 -23.14 2.03
CA TRP A 314 31.03 -23.05 1.11
C TRP A 314 30.06 -24.20 1.37
N ALA A 315 28.77 -23.87 1.37
CA ALA A 315 27.69 -24.78 1.66
C ALA A 315 26.69 -24.79 0.51
N PRO A 316 26.24 -25.98 0.09
CA PRO A 316 25.22 -26.08 -0.98
C PRO A 316 23.85 -25.72 -0.42
N GLN A 317 23.65 -24.42 -0.21
CA GLN A 317 22.50 -23.96 0.56
C GLN A 317 21.18 -24.23 -0.16
N THR A 318 21.04 -23.69 -1.38
CA THR A 318 19.82 -23.89 -2.16
C THR A 318 19.51 -25.39 -2.30
N MET A 319 20.54 -26.22 -2.35
CA MET A 319 20.32 -27.67 -2.45
C MET A 319 19.77 -28.24 -1.14
N ILE A 320 20.17 -27.66 -0.01
CA ILE A 320 19.78 -28.20 1.30
C ILE A 320 18.31 -27.88 1.57
N LEU A 321 17.92 -26.62 1.39
CA LEU A 321 16.57 -26.21 1.71
C LEU A 321 15.52 -26.84 0.80
N GLU A 322 15.91 -27.32 -0.38
CA GLU A 322 14.97 -27.95 -1.31
C GLU A 322 14.77 -29.43 -1.04
N HIS A 323 15.52 -30.01 -0.13
CA HIS A 323 15.38 -31.42 0.20
C HIS A 323 14.18 -31.64 1.11
N ARG A 324 13.41 -32.70 0.84
CA ARG A 324 12.21 -32.95 1.63
C ARG A 324 12.53 -33.14 3.10
N ALA A 325 13.73 -33.63 3.42
CA ALA A 325 14.14 -33.89 4.79
C ALA A 325 14.38 -32.62 5.61
N VAL A 326 14.45 -31.45 4.97
CA VAL A 326 14.76 -30.21 5.66
C VAL A 326 13.48 -29.42 5.84
N GLY A 327 13.15 -29.13 7.10
CA GLY A 327 11.87 -28.53 7.41
C GLY A 327 11.92 -27.20 8.13
N SER A 328 13.11 -26.76 8.53
CA SER A 328 13.25 -25.45 9.14
C SER A 328 14.66 -24.93 8.91
N TYR A 329 14.81 -23.61 9.05
CA TYR A 329 15.99 -22.90 8.60
C TYR A 329 16.23 -21.75 9.58
N LEU A 330 17.33 -21.83 10.34
CA LEU A 330 17.63 -20.84 11.36
C LEU A 330 18.56 -19.80 10.73
N THR A 331 18.08 -18.57 10.62
CA THR A 331 18.69 -17.59 9.72
C THR A 331 18.61 -16.19 10.31
N HIS A 332 19.40 -15.27 9.75
CA HIS A 332 19.26 -13.88 10.15
C HIS A 332 18.10 -13.19 9.45
N LEU A 333 17.56 -13.83 8.42
CA LEU A 333 16.39 -13.33 7.70
C LEU A 333 16.79 -12.15 6.82
N GLY A 334 17.98 -12.23 6.20
CA GLY A 334 18.22 -11.48 4.98
C GLY A 334 17.26 -11.91 3.89
N TRP A 335 17.09 -11.06 2.88
CA TRP A 335 16.01 -11.30 1.92
C TRP A 335 16.24 -12.58 1.11
N GLY A 336 17.43 -12.75 0.54
CA GLY A 336 17.73 -13.99 -0.14
C GLY A 336 17.46 -15.23 0.68
N SER A 337 17.75 -15.17 1.99
CA SER A 337 17.41 -16.28 2.87
C SER A 337 15.90 -16.51 2.92
N VAL A 338 15.12 -15.43 2.96
CA VAL A 338 13.67 -15.58 3.03
C VAL A 338 13.15 -16.30 1.79
N LEU A 339 13.62 -15.87 0.60
CA LEU A 339 13.03 -16.44 -0.61
C LEU A 339 13.52 -17.85 -0.85
N GLU A 340 14.76 -18.17 -0.44
CA GLU A 340 15.22 -19.55 -0.47
C GLU A 340 14.34 -20.42 0.44
N GLY A 341 14.10 -19.95 1.68
CA GLY A 341 13.29 -20.75 2.58
C GLY A 341 11.84 -20.85 2.15
N MET A 342 11.28 -19.73 1.67
CA MET A 342 9.93 -19.77 1.10
C MET A 342 9.87 -20.75 -0.07
N VAL A 343 10.75 -20.59 -1.05
CA VAL A 343 10.64 -21.43 -2.24
C VAL A 343 10.89 -22.89 -1.88
N GLY A 344 11.80 -23.15 -0.92
CA GLY A 344 12.04 -24.49 -0.41
C GLY A 344 11.00 -25.01 0.56
N GLY A 345 10.08 -24.16 1.02
CA GLY A 345 9.03 -24.58 1.92
C GLY A 345 9.53 -25.05 3.26
N VAL A 346 10.16 -24.16 4.03
CA VAL A 346 10.66 -24.51 5.34
C VAL A 346 10.19 -23.46 6.33
N MET A 347 10.24 -23.84 7.61
CA MET A 347 10.01 -22.90 8.70
C MET A 347 11.22 -21.99 8.84
N LEU A 348 11.00 -20.69 8.74
CA LEU A 348 12.09 -19.73 8.93
C LEU A 348 12.15 -19.37 10.40
N LEU A 349 13.24 -19.75 11.06
CA LEU A 349 13.50 -19.27 12.42
C LEU A 349 14.36 -18.02 12.32
N ALA A 350 13.82 -16.88 12.72
CA ALA A 350 14.47 -15.60 12.45
C ALA A 350 15.31 -15.15 13.64
N TRP A 351 16.54 -14.72 13.35
CA TRP A 351 17.43 -14.10 14.33
C TRP A 351 18.08 -12.90 13.65
N PRO A 352 17.37 -11.78 13.57
CA PRO A 352 17.86 -10.62 12.82
C PRO A 352 18.99 -9.90 13.56
N MET A 353 19.94 -9.35 12.79
CA MET A 353 20.97 -8.52 13.41
C MET A 353 21.34 -7.25 12.66
N GLN A 354 21.19 -7.19 11.35
CA GLN A 354 21.46 -5.96 10.63
C GLN A 354 20.15 -5.44 10.04
N ALA A 355 20.13 -4.15 9.72
CA ALA A 355 18.87 -3.43 9.51
C ALA A 355 17.89 -4.21 8.62
N ASP A 356 18.35 -4.71 7.46
CA ASP A 356 17.47 -5.43 6.54
C ASP A 356 16.78 -6.60 7.22
N HIS A 357 17.52 -7.29 8.10
CA HIS A 357 16.96 -8.41 8.85
C HIS A 357 15.76 -7.98 9.68
N PHE A 358 15.80 -6.79 10.29
CA PHE A 358 14.68 -6.33 11.11
C PHE A 358 13.49 -5.91 10.27
N PHE A 359 13.72 -5.23 9.14
CA PHE A 359 12.62 -4.94 8.23
C PHE A 359 11.92 -6.22 7.82
N ASN A 360 12.67 -7.27 7.51
CA ASN A 360 12.08 -8.52 7.04
C ASN A 360 11.39 -9.24 8.17
N THR A 361 11.93 -9.17 9.39
CA THR A 361 11.22 -9.72 10.53
C THR A 361 9.88 -9.03 10.71
N THR A 362 9.89 -7.71 10.59
CA THR A 362 8.65 -6.95 10.63
C THR A 362 7.66 -7.48 9.61
N LEU A 363 8.13 -7.75 8.40
CA LEU A 363 7.26 -8.20 7.31
C LEU A 363 6.83 -9.65 7.49
N ILE A 364 7.82 -10.56 7.62
CA ILE A 364 7.56 -11.99 7.51
C ILE A 364 7.03 -12.56 8.83
N VAL A 365 7.52 -12.05 9.96
CA VAL A 365 7.03 -12.54 11.25
C VAL A 365 5.81 -11.72 11.68
N ASP A 366 6.02 -10.44 11.98
CA ASP A 366 4.99 -9.63 12.65
C ASP A 366 3.77 -9.43 11.75
N LYS A 367 3.98 -8.99 10.51
CA LYS A 367 2.85 -8.66 9.65
C LYS A 367 2.27 -9.89 8.97
N LEU A 368 3.11 -10.83 8.51
CA LEU A 368 2.58 -11.95 7.75
C LEU A 368 2.40 -13.23 8.57
N ARG A 369 2.95 -13.28 9.78
CA ARG A 369 2.94 -14.48 10.61
C ARG A 369 3.30 -15.72 9.78
N ALA A 370 4.42 -15.59 9.07
CA ALA A 370 4.95 -16.66 8.23
C ALA A 370 6.33 -17.11 8.70
N ALA A 371 6.75 -16.73 9.91
CA ALA A 371 8.01 -17.15 10.48
C ALA A 371 7.97 -16.90 11.98
N VAL A 372 8.90 -17.53 12.70
CA VAL A 372 8.98 -17.43 14.16
C VAL A 372 10.30 -16.77 14.55
N ARG A 373 10.23 -15.86 15.52
CA ARG A 373 11.41 -15.13 16.00
C ARG A 373 12.09 -15.91 17.12
N VAL A 374 13.36 -16.24 16.94
CA VAL A 374 14.15 -16.92 17.97
C VAL A 374 15.26 -16.05 18.56
N GLY A 375 15.62 -14.95 17.93
CA GLY A 375 16.64 -14.07 18.46
C GLY A 375 16.18 -12.64 18.38
N GLU A 376 16.69 -11.82 19.30
CA GLU A 376 16.28 -10.42 19.28
C GLU A 376 17.19 -9.60 18.38
N ASN A 377 18.48 -9.53 18.69
CA ASN A 377 19.38 -8.68 17.93
C ASN A 377 20.80 -9.22 18.02
N ARG A 378 21.75 -8.37 17.64
CA ARG A 378 23.16 -8.75 17.49
C ARG A 378 23.83 -9.14 18.80
N ASP A 379 23.24 -8.82 19.95
CA ASP A 379 23.86 -9.14 21.24
C ASP A 379 23.07 -10.16 22.05
N SER A 380 21.99 -10.70 21.50
CA SER A 380 21.16 -11.66 22.23
C SER A 380 21.93 -12.95 22.49
N VAL A 381 21.65 -13.56 23.64
CA VAL A 381 22.15 -14.89 23.94
C VAL A 381 20.96 -15.78 24.27
N PRO A 382 20.61 -16.74 23.40
CA PRO A 382 19.44 -17.58 23.67
C PRO A 382 19.67 -18.57 24.81
N ASP A 383 18.57 -18.95 25.45
CA ASP A 383 18.56 -19.99 26.48
C ASP A 383 18.48 -21.38 25.84
N SER A 384 19.31 -22.31 26.35
CA SER A 384 19.65 -23.52 25.58
C SER A 384 18.42 -24.39 25.21
N ASP A 385 17.42 -24.52 26.09
CA ASP A 385 16.18 -25.27 25.77
C ASP A 385 14.90 -24.43 25.79
N LYS A 386 14.98 -23.13 25.87
CA LYS A 386 13.78 -22.54 25.29
C LYS A 386 13.99 -22.32 23.81
N LEU A 387 15.19 -22.58 23.32
CA LEU A 387 15.47 -22.66 21.90
C LEU A 387 15.48 -24.09 21.37
N ALA A 388 16.05 -25.04 22.11
CA ALA A 388 15.98 -26.44 21.74
C ALA A 388 14.55 -26.95 21.68
N ARG A 389 13.70 -26.52 22.62
CA ARG A 389 12.27 -26.77 22.46
C ARG A 389 11.78 -26.22 21.12
N ILE A 390 12.10 -24.96 20.83
CA ILE A 390 11.65 -24.33 19.58
C ILE A 390 12.11 -25.13 18.37
N LEU A 391 13.36 -25.62 18.39
CA LEU A 391 13.90 -26.29 17.22
C LEU A 391 13.23 -27.63 16.97
N ALA A 392 13.14 -28.48 18.01
CA ALA A 392 12.60 -29.83 17.86
C ALA A 392 11.12 -29.87 17.52
N GLU A 393 10.42 -28.74 17.62
CA GLU A 393 9.03 -28.61 17.20
C GLU A 393 8.86 -27.75 15.94
N SER A 394 9.95 -27.27 15.34
CA SER A 394 9.89 -26.27 14.28
C SER A 394 9.60 -26.88 12.91
N ALA A 395 10.13 -28.05 12.64
CA ALA A 395 9.86 -28.66 11.35
C ALA A 395 8.42 -29.16 11.23
N ARG A 396 7.64 -29.15 12.32
CA ARG A 396 6.31 -29.78 12.29
C ARG A 396 5.34 -28.98 11.43
N GLU A 397 4.64 -29.70 10.54
CA GLU A 397 3.83 -29.05 9.51
C GLU A 397 2.57 -28.40 10.06
N ASP A 398 2.14 -28.77 11.28
CA ASP A 398 0.91 -28.25 11.87
C ASP A 398 1.00 -26.76 12.21
N LEU A 399 2.25 -26.22 12.47
CA LEU A 399 2.16 -24.95 13.18
C LEU A 399 1.85 -23.82 12.22
N PRO A 400 1.02 -22.87 12.65
CA PRO A 400 0.43 -21.89 11.71
C PRO A 400 1.43 -21.16 10.86
N GLU A 401 2.61 -20.87 11.38
CA GLU A 401 3.60 -20.15 10.59
C GLU A 401 4.01 -20.97 9.36
N ARG A 402 4.14 -22.29 9.52
CA ARG A 402 4.49 -23.12 8.38
C ARG A 402 3.38 -23.12 7.35
N VAL A 403 2.13 -23.22 7.78
CA VAL A 403 1.03 -23.25 6.82
C VAL A 403 0.90 -21.89 6.10
N THR A 404 1.17 -20.79 6.79
CA THR A 404 1.16 -19.50 6.10
C THR A 404 2.30 -19.41 5.09
N LEU A 405 3.51 -19.82 5.50
CA LEU A 405 4.65 -19.80 4.60
C LEU A 405 4.39 -20.63 3.35
N MET A 406 3.68 -21.76 3.48
CA MET A 406 3.42 -22.57 2.30
C MET A 406 2.45 -21.88 1.35
N LYS A 407 1.42 -21.21 1.89
CA LYS A 407 0.53 -20.44 1.02
C LYS A 407 1.30 -19.34 0.30
N LEU A 408 2.29 -18.73 0.97
CA LEU A 408 3.13 -17.74 0.30
C LEU A 408 3.99 -18.39 -0.77
N ARG A 409 4.45 -19.62 -0.52
CA ARG A 409 5.28 -20.29 -1.51
C ARG A 409 4.47 -20.55 -2.76
N GLU A 410 3.18 -20.86 -2.58
CA GLU A 410 2.30 -21.12 -3.71
C GLU A 410 2.08 -19.83 -4.51
N LYS A 411 1.88 -18.70 -3.81
CA LYS A 411 1.88 -17.39 -4.48
C LYS A 411 3.18 -17.13 -5.25
N ALA A 412 4.34 -17.47 -4.66
CA ALA A 412 5.62 -17.21 -5.31
C ALA A 412 5.77 -18.03 -6.59
N MET A 413 5.30 -19.28 -6.58
CA MET A 413 5.34 -20.08 -7.79
C MET A 413 4.48 -19.47 -8.89
N GLU A 414 3.28 -19.00 -8.52
CA GLU A 414 2.40 -18.40 -9.53
C GLU A 414 3.03 -17.18 -10.17
N ALA A 415 3.81 -16.40 -9.42
CA ALA A 415 4.38 -15.18 -9.97
C ALA A 415 5.41 -15.45 -11.09
N ILE A 416 6.18 -16.55 -11.00
CA ILE A 416 7.22 -16.81 -11.98
C ILE A 416 6.77 -17.77 -13.09
N LYS A 417 5.73 -18.56 -12.88
CA LYS A 417 5.14 -19.29 -13.99
C LYS A 417 4.58 -18.31 -15.03
N GLU A 418 4.35 -18.81 -16.24
CA GLU A 418 3.67 -18.02 -17.26
C GLU A 418 2.31 -17.54 -16.74
N GLY A 419 2.04 -16.26 -16.90
CA GLY A 419 0.82 -15.66 -16.41
C GLY A 419 0.99 -14.92 -15.11
N GLY A 420 2.02 -15.24 -14.34
CA GLY A 420 2.25 -14.59 -13.06
C GLY A 420 2.76 -13.18 -13.22
N SER A 421 2.73 -12.43 -12.12
CA SER A 421 3.03 -11.02 -12.22
C SER A 421 4.52 -10.79 -12.48
N SER A 422 5.39 -11.58 -11.83
CA SER A 422 6.83 -11.46 -12.08
C SER A 422 7.18 -11.85 -13.51
N TYR A 423 6.62 -12.95 -14.02
CA TYR A 423 6.88 -13.33 -15.40
C TYR A 423 6.49 -12.19 -16.34
N LYS A 424 5.26 -11.70 -16.22
CA LYS A 424 4.80 -10.64 -17.10
C LYS A 424 5.68 -9.40 -16.98
N ASN A 425 6.09 -9.09 -15.75
CA ASN A 425 6.99 -7.95 -15.53
C ASN A 425 8.35 -8.21 -16.17
N LEU A 426 8.76 -9.46 -16.31
CA LEU A 426 9.98 -9.71 -17.05
C LEU A 426 9.76 -9.43 -18.54
N ASP A 427 8.63 -9.90 -19.09
CA ASP A 427 8.30 -9.60 -20.48
C ASP A 427 8.19 -8.10 -20.69
N GLU A 428 7.49 -7.41 -19.80
CA GLU A 428 7.25 -5.98 -20.03
C GLU A 428 8.52 -5.17 -19.87
N LEU A 429 9.40 -5.57 -18.95
CA LEU A 429 10.65 -4.86 -18.75
C LEU A 429 11.51 -4.94 -20.01
N VAL A 430 11.48 -6.10 -20.67
CA VAL A 430 12.30 -6.31 -21.86
C VAL A 430 11.78 -5.50 -23.03
N ALA A 431 10.47 -5.48 -23.23
CA ALA A 431 9.95 -4.62 -24.29
C ALA A 431 10.16 -3.15 -23.95
N GLU A 432 10.16 -2.82 -22.67
CA GLU A 432 10.31 -1.44 -22.26
C GLU A 432 11.71 -0.90 -22.58
N MET A 433 12.75 -1.69 -22.35
CA MET A 433 14.10 -1.26 -22.64
C MET A 433 14.30 -0.98 -24.14
N CYS A 434 13.43 -1.51 -24.99
CA CYS A 434 13.51 -1.23 -26.42
C CYS A 434 13.07 0.19 -26.75
N LEU A 435 12.34 0.86 -25.85
CA LEU A 435 11.80 2.18 -26.15
C LEU A 435 12.89 3.23 -26.28
N LYS B 7 -27.78 -11.00 -18.93
CA LYS B 7 -28.76 -10.14 -18.29
C LYS B 7 -28.03 -9.30 -17.23
N LYS B 8 -28.77 -8.45 -16.51
CA LYS B 8 -28.31 -7.53 -15.47
C LYS B 8 -29.01 -7.74 -14.13
N PRO B 9 -28.32 -7.51 -13.03
CA PRO B 9 -28.78 -8.01 -11.73
C PRO B 9 -29.84 -7.13 -11.08
N HIS B 10 -30.63 -7.76 -10.21
CA HIS B 10 -31.47 -7.03 -9.27
C HIS B 10 -30.72 -6.97 -7.95
N VAL B 11 -30.67 -5.79 -7.36
CA VAL B 11 -29.79 -5.49 -6.24
C VAL B 11 -30.60 -4.80 -5.15
N LEU B 12 -30.65 -5.42 -3.97
CA LEU B 12 -31.24 -4.77 -2.79
C LEU B 12 -30.19 -3.89 -2.12
N VAL B 13 -30.34 -2.58 -2.22
CA VAL B 13 -29.44 -1.65 -1.58
C VAL B 13 -30.06 -1.17 -0.28
N ILE B 14 -29.28 -1.23 0.78
CA ILE B 14 -29.68 -0.94 2.15
C ILE B 14 -28.75 0.12 2.71
N PRO B 15 -29.05 1.41 2.54
CA PRO B 15 -28.12 2.45 3.01
C PRO B 15 -28.23 2.71 4.50
N PHE B 16 -27.18 3.42 5.03
CA PHE B 16 -27.14 3.85 6.43
C PHE B 16 -27.73 5.26 6.56
N PRO B 17 -28.61 5.52 7.52
CA PRO B 17 -29.31 6.83 7.55
C PRO B 17 -28.47 7.93 8.21
N GLN B 18 -27.32 8.20 7.64
CA GLN B 18 -26.62 9.44 7.91
C GLN B 18 -26.18 9.98 6.56
N SER B 19 -26.15 11.30 6.40
CA SER B 19 -26.09 11.82 5.03
C SER B 19 -24.75 11.55 4.38
N GLY B 20 -23.66 11.55 5.17
CA GLY B 20 -22.35 11.20 4.64
C GLY B 20 -22.31 9.83 4.01
N HIS B 21 -23.19 8.92 4.44
CA HIS B 21 -23.31 7.59 3.86
C HIS B 21 -24.36 7.55 2.78
N MET B 22 -25.55 8.11 3.06
CA MET B 22 -26.72 7.90 2.21
C MET B 22 -26.51 8.44 0.81
N VAL B 23 -26.03 9.68 0.68
CA VAL B 23 -26.04 10.35 -0.62
C VAL B 23 -24.99 9.70 -1.52
N PRO B 24 -23.76 9.41 -1.08
CA PRO B 24 -22.88 8.65 -1.98
C PRO B 24 -23.42 7.26 -2.26
N HIS B 25 -24.01 6.62 -1.24
CA HIS B 25 -24.61 5.31 -1.46
C HIS B 25 -25.75 5.36 -2.47
N LEU B 26 -26.48 6.48 -2.52
CA LEU B 26 -27.49 6.58 -3.57
C LEU B 26 -26.89 7.04 -4.88
N ASP B 27 -25.81 7.83 -4.83
CA ASP B 27 -25.10 8.15 -6.06
C ASP B 27 -24.57 6.89 -6.71
N LEU B 28 -24.14 5.94 -5.89
CA LEU B 28 -23.66 4.68 -6.43
C LEU B 28 -24.81 3.87 -6.98
N THR B 29 -25.98 3.93 -6.31
CA THR B 29 -27.21 3.30 -6.81
C THR B 29 -27.58 3.82 -8.19
N HIS B 30 -27.52 5.14 -8.38
CA HIS B 30 -27.74 5.70 -9.70
C HIS B 30 -26.80 5.08 -10.72
N GLN B 31 -25.50 4.94 -10.37
CA GLN B 31 -24.51 4.41 -11.29
C GLN B 31 -24.88 3.01 -11.77
N ILE B 32 -25.22 2.11 -10.85
CA ILE B 32 -25.54 0.74 -11.27
C ILE B 32 -26.79 0.72 -12.14
N LEU B 33 -27.75 1.60 -11.86
CA LEU B 33 -28.97 1.59 -12.67
C LEU B 33 -28.70 2.03 -14.09
N LEU B 34 -27.71 2.91 -14.26
CA LEU B 34 -27.28 3.28 -15.60
C LEU B 34 -26.64 2.10 -16.33
N ARG B 35 -26.01 1.18 -15.60
CA ARG B 35 -25.41 0.00 -16.19
C ARG B 35 -26.39 -1.17 -16.34
N GLY B 36 -27.68 -0.93 -16.16
CA GLY B 36 -28.71 -1.91 -16.44
C GLY B 36 -29.27 -2.63 -15.23
N ALA B 37 -28.81 -2.31 -14.02
CA ALA B 37 -29.33 -3.02 -12.86
C ALA B 37 -30.80 -2.67 -12.61
N THR B 38 -31.45 -3.52 -11.82
CA THR B 38 -32.73 -3.25 -11.22
C THR B 38 -32.50 -3.22 -9.71
N VAL B 39 -32.99 -2.18 -9.03
CA VAL B 39 -32.73 -2.08 -7.60
C VAL B 39 -34.04 -1.85 -6.85
N THR B 40 -34.08 -2.35 -5.63
CA THR B 40 -35.01 -1.84 -4.63
C THR B 40 -34.20 -1.37 -3.44
N VAL B 41 -34.54 -0.18 -2.94
CA VAL B 41 -33.89 0.41 -1.79
C VAL B 41 -34.78 0.21 -0.57
N LEU B 42 -34.22 -0.43 0.45
CA LEU B 42 -34.91 -0.61 1.72
C LEU B 42 -34.58 0.58 2.62
N VAL B 43 -35.60 1.33 3.04
CA VAL B 43 -35.44 2.46 3.95
C VAL B 43 -36.57 2.46 4.97
N THR B 44 -36.40 3.21 5.90
CA THR B 44 -37.22 3.60 7.03
C THR B 44 -38.06 4.82 6.67
N PRO B 45 -39.25 4.99 7.27
CA PRO B 45 -40.20 5.96 6.71
C PRO B 45 -39.68 7.38 6.57
N LYS B 46 -39.03 7.94 7.57
CA LYS B 46 -38.66 9.34 7.43
C LYS B 46 -37.43 9.56 6.58
N ASN B 47 -36.89 8.49 5.97
CA ASN B 47 -35.85 8.62 4.95
C ASN B 47 -36.40 8.38 3.55
N SER B 48 -37.71 8.15 3.42
CA SER B 48 -38.26 7.88 2.09
C SER B 48 -38.11 9.08 1.16
N SER B 49 -38.23 10.29 1.71
CA SER B 49 -38.10 11.49 0.88
C SER B 49 -36.74 11.54 0.18
N TYR B 50 -35.68 11.07 0.85
CA TYR B 50 -34.35 11.06 0.22
C TYR B 50 -34.38 10.47 -1.19
N LEU B 51 -35.16 9.40 -1.40
CA LEU B 51 -35.14 8.68 -2.67
C LEU B 51 -35.89 9.42 -3.77
N ASP B 52 -36.25 10.69 -3.53
CA ASP B 52 -37.10 11.39 -4.49
C ASP B 52 -36.34 11.64 -5.78
N ALA B 53 -35.05 11.94 -5.67
CA ALA B 53 -34.25 12.21 -6.84
C ALA B 53 -34.17 10.98 -7.74
N LEU B 54 -33.73 9.83 -7.19
CA LEU B 54 -33.74 8.57 -7.94
C LEU B 54 -35.10 8.28 -8.56
N ARG B 55 -36.19 8.45 -7.79
CA ARG B 55 -37.51 8.09 -8.31
C ARG B 55 -37.86 8.89 -9.55
N SER B 56 -37.42 10.14 -9.63
CA SER B 56 -37.69 10.98 -10.80
C SER B 56 -36.86 10.59 -12.03
N LEU B 57 -35.81 9.77 -11.88
CA LEU B 57 -34.89 9.51 -12.99
C LEU B 57 -35.03 8.13 -13.61
N HIS B 58 -35.48 7.14 -12.85
CA HIS B 58 -35.73 5.82 -13.38
C HIS B 58 -37.16 5.39 -13.08
N SER B 59 -37.72 4.59 -13.98
CA SER B 59 -39.12 4.21 -13.84
C SER B 59 -39.32 3.28 -12.65
N PRO B 60 -40.56 3.05 -12.24
CA PRO B 60 -40.82 1.93 -11.32
C PRO B 60 -40.44 0.58 -11.90
N GLU B 61 -40.36 0.48 -13.24
CA GLU B 61 -39.80 -0.72 -13.86
C GLU B 61 -38.46 -1.10 -13.23
N HIS B 62 -37.52 -0.18 -13.18
CA HIS B 62 -36.19 -0.51 -12.67
C HIS B 62 -35.98 -0.14 -11.21
N PHE B 63 -36.77 0.78 -10.65
CA PHE B 63 -36.46 1.33 -9.34
C PHE B 63 -37.65 1.15 -8.40
N LYS B 64 -37.39 0.55 -7.25
CA LYS B 64 -38.43 0.17 -6.33
C LYS B 64 -38.05 0.57 -4.91
N THR B 65 -39.03 1.01 -4.12
CA THR B 65 -38.83 1.28 -2.71
C THR B 65 -39.48 0.19 -1.87
N LEU B 66 -38.81 -0.12 -0.75
CA LEU B 66 -39.31 -1.01 0.29
C LEU B 66 -39.18 -0.19 1.55
N ILE B 67 -40.28 0.36 2.05
CA ILE B 67 -40.27 1.14 3.27
C ILE B 67 -40.68 0.23 4.42
N LEU B 68 -39.81 0.10 5.39
CA LEU B 68 -40.21 -0.67 6.55
C LEU B 68 -40.29 0.24 7.77
N PRO B 69 -41.22 -0.01 8.68
CA PRO B 69 -41.29 0.81 9.88
C PRO B 69 -40.00 0.75 10.70
N PHE B 70 -39.61 1.91 11.23
CA PHE B 70 -38.43 2.05 12.06
C PHE B 70 -38.66 1.42 13.44
N PRO B 71 -37.84 0.45 13.85
CA PRO B 71 -38.03 -0.17 15.17
C PRO B 71 -37.79 0.81 16.31
N SER B 72 -38.55 0.64 17.38
CA SER B 72 -38.40 1.59 18.45
C SER B 72 -37.17 1.27 19.29
N HIS B 73 -36.87 2.18 20.22
CA HIS B 73 -35.68 2.12 21.06
C HIS B 73 -35.78 3.22 22.11
N PRO B 74 -35.57 2.91 23.38
CA PRO B 74 -35.78 3.94 24.42
C PRO B 74 -34.69 5.00 24.46
N CYS B 75 -33.56 4.80 23.76
CA CYS B 75 -32.47 5.75 23.72
C CYS B 75 -32.49 6.62 22.47
N ILE B 76 -33.55 6.53 21.66
CA ILE B 76 -33.73 7.35 20.48
C ILE B 76 -35.08 8.07 20.66
N PRO B 77 -35.14 9.39 20.58
CA PRO B 77 -36.45 10.04 20.71
C PRO B 77 -37.25 9.77 19.45
N SER B 78 -38.58 9.81 19.58
CA SER B 78 -39.41 9.32 18.51
C SER B 78 -39.38 10.24 17.29
N GLY B 79 -39.73 9.67 16.15
CA GLY B 79 -39.63 10.39 14.90
C GLY B 79 -38.22 10.76 14.50
N VAL B 80 -37.22 10.27 15.25
CA VAL B 80 -35.81 10.40 14.87
C VAL B 80 -35.40 9.09 14.23
N GLU B 81 -35.03 9.16 12.96
CA GLU B 81 -34.74 7.95 12.19
C GLU B 81 -33.45 8.09 11.39
N SER B 82 -32.62 9.06 11.75
CA SER B 82 -31.41 9.42 11.03
C SER B 82 -30.48 10.15 12.00
N LEU B 83 -29.16 10.01 11.80
CA LEU B 83 -28.20 10.53 12.78
C LEU B 83 -28.01 12.03 12.72
N GLN B 84 -28.55 12.70 11.69
CA GLN B 84 -28.53 14.15 11.67
C GLN B 84 -29.23 14.76 12.89
N GLN B 85 -30.10 13.98 13.55
CA GLN B 85 -30.98 14.54 14.57
C GLN B 85 -30.57 14.18 16.01
N LEU B 86 -29.45 13.50 16.23
CA LEU B 86 -29.10 13.07 17.59
C LEU B 86 -27.58 12.93 17.69
N PRO B 87 -27.02 12.87 18.91
CA PRO B 87 -25.56 13.02 19.07
C PRO B 87 -24.74 11.83 18.63
N LEU B 88 -23.43 12.08 18.48
CA LEU B 88 -22.52 11.10 17.89
C LEU B 88 -22.47 9.78 18.67
N GLU B 89 -22.69 9.82 19.99
CA GLU B 89 -22.70 8.57 20.75
C GLU B 89 -23.83 7.66 20.32
N ALA B 90 -24.98 8.23 20.00
CA ALA B 90 -26.18 7.45 19.75
C ALA B 90 -26.09 6.63 18.47
N ILE B 91 -25.00 6.72 17.72
CA ILE B 91 -24.80 5.79 16.61
C ILE B 91 -25.00 4.35 17.07
N VAL B 92 -24.57 4.02 18.29
CA VAL B 92 -24.69 2.63 18.77
C VAL B 92 -26.15 2.27 18.97
N HIS B 93 -26.97 3.24 19.37
CA HIS B 93 -28.39 2.99 19.48
C HIS B 93 -29.02 2.80 18.11
N MET B 94 -28.58 3.56 17.11
CA MET B 94 -29.10 3.38 15.76
C MET B 94 -28.70 2.03 15.18
N PHE B 95 -27.52 1.50 15.55
CA PHE B 95 -27.15 0.14 15.16
C PHE B 95 -28.15 -0.86 15.74
N ASP B 96 -28.54 -0.68 17.01
CA ASP B 96 -29.43 -1.65 17.65
C ASP B 96 -30.81 -1.62 17.03
N ALA B 97 -31.36 -0.42 16.83
CA ALA B 97 -32.68 -0.28 16.22
C ALA B 97 -32.73 -0.89 14.82
N LEU B 98 -31.75 -0.58 13.98
CA LEU B 98 -31.86 -1.07 12.61
C LEU B 98 -31.53 -2.54 12.49
N SER B 99 -30.89 -3.13 13.50
CA SER B 99 -30.69 -4.57 13.48
C SER B 99 -32.01 -5.32 13.59
N ARG B 100 -33.07 -4.69 14.08
CA ARG B 100 -34.35 -5.36 14.22
C ARG B 100 -35.22 -5.22 12.99
N LEU B 101 -34.67 -4.68 11.91
CA LEU B 101 -35.23 -4.88 10.59
C LEU B 101 -34.84 -6.23 10.00
N HIS B 102 -34.01 -6.99 10.72
CA HIS B 102 -33.63 -8.32 10.26
C HIS B 102 -34.87 -9.17 9.99
N ASP B 103 -35.73 -9.32 10.99
CA ASP B 103 -36.88 -10.20 10.79
C ASP B 103 -37.85 -9.65 9.76
N PRO B 104 -38.30 -8.38 9.83
CA PRO B 104 -39.14 -7.87 8.72
C PRO B 104 -38.52 -8.10 7.36
N LEU B 105 -37.20 -8.00 7.24
CA LEU B 105 -36.63 -8.21 5.91
C LEU B 105 -36.56 -9.68 5.56
N VAL B 106 -36.18 -10.54 6.51
CA VAL B 106 -36.14 -11.97 6.20
C VAL B 106 -37.48 -12.44 5.66
N ASP B 107 -38.57 -11.97 6.28
CA ASP B 107 -39.88 -12.44 5.88
C ASP B 107 -40.34 -11.80 4.58
N PHE B 108 -39.90 -10.57 4.30
CA PHE B 108 -40.28 -9.98 3.01
C PHE B 108 -39.61 -10.74 1.87
N LEU B 109 -38.33 -11.09 2.01
CA LEU B 109 -37.66 -11.81 0.95
C LEU B 109 -38.14 -13.24 0.85
N SER B 110 -38.66 -13.80 1.94
CA SER B 110 -39.06 -15.20 1.88
C SER B 110 -40.36 -15.37 1.10
N ARG B 111 -41.09 -14.28 0.87
CA ARG B 111 -42.38 -14.28 0.20
C ARG B 111 -42.25 -14.13 -1.32
N GLN B 112 -41.29 -13.35 -1.79
CA GLN B 112 -41.05 -13.12 -3.21
C GLN B 112 -40.95 -14.45 -3.96
N PRO B 113 -41.35 -14.50 -5.23
CA PRO B 113 -41.00 -15.66 -6.06
C PRO B 113 -39.49 -15.83 -6.10
N PRO B 114 -39.01 -17.07 -5.98
CA PRO B 114 -37.55 -17.27 -5.85
C PRO B 114 -36.75 -16.76 -7.04
N SER B 115 -37.34 -16.80 -8.24
CA SER B 115 -36.72 -16.19 -9.41
C SER B 115 -36.33 -14.75 -9.14
N ASP B 116 -37.28 -13.96 -8.65
CA ASP B 116 -37.18 -12.51 -8.43
C ASP B 116 -36.25 -12.13 -7.28
N LEU B 117 -35.71 -13.07 -6.51
CA LEU B 117 -34.92 -12.65 -5.36
C LEU B 117 -33.68 -11.92 -5.84
N PRO B 118 -33.14 -11.01 -5.03
CA PRO B 118 -32.04 -10.17 -5.51
C PRO B 118 -30.83 -11.01 -5.88
N ASP B 119 -30.12 -10.56 -6.91
CA ASP B 119 -28.83 -11.15 -7.26
C ASP B 119 -27.77 -10.79 -6.24
N ALA B 120 -27.95 -9.66 -5.57
CA ALA B 120 -26.98 -9.22 -4.57
C ALA B 120 -27.63 -8.20 -3.65
N ILE B 121 -27.12 -8.13 -2.43
CA ILE B 121 -27.38 -7.03 -1.50
C ILE B 121 -26.18 -6.09 -1.51
N LEU B 122 -26.44 -4.80 -1.74
CA LEU B 122 -25.41 -3.79 -1.64
C LEU B 122 -25.85 -2.82 -0.55
N GLY B 123 -25.51 -3.16 0.69
CA GLY B 123 -25.87 -2.38 1.84
C GLY B 123 -24.64 -1.81 2.54
N SER B 124 -24.91 -0.85 3.41
CA SER B 124 -23.89 -0.20 4.20
C SER B 124 -23.04 -1.22 4.93
N SER B 125 -21.72 -0.99 4.90
CA SER B 125 -20.84 -1.75 5.76
C SER B 125 -21.26 -1.60 7.22
N PHE B 126 -21.84 -0.45 7.59
CA PHE B 126 -22.27 -0.24 8.98
C PHE B 126 -23.39 -1.19 9.40
N LEU B 127 -24.15 -1.75 8.46
CA LEU B 127 -25.23 -2.65 8.80
C LEU B 127 -24.90 -4.10 8.51
N SER B 128 -23.66 -4.38 8.10
CA SER B 128 -23.30 -5.73 7.67
C SER B 128 -23.52 -6.83 8.70
N PRO B 129 -23.36 -6.63 10.03
CA PRO B 129 -23.61 -7.75 10.96
C PRO B 129 -24.95 -8.45 10.76
N TRP B 130 -26.06 -7.71 10.59
CA TRP B 130 -27.28 -8.44 10.32
C TRP B 130 -27.48 -8.68 8.82
N ILE B 131 -27.05 -7.75 7.96
CA ILE B 131 -27.28 -7.95 6.54
C ILE B 131 -26.66 -9.25 6.05
N ASN B 132 -25.44 -9.54 6.49
CA ASN B 132 -24.76 -10.75 6.04
C ASN B 132 -25.52 -12.00 6.48
N LYS B 133 -26.13 -11.94 7.66
CA LYS B 133 -26.96 -13.06 8.07
C LYS B 133 -28.16 -13.22 7.14
N VAL B 134 -28.77 -12.10 6.73
CA VAL B 134 -29.88 -12.21 5.79
C VAL B 134 -29.39 -12.77 4.46
N ALA B 135 -28.28 -12.24 3.95
CA ALA B 135 -27.75 -12.73 2.68
C ALA B 135 -27.42 -14.22 2.77
N ASP B 136 -26.67 -14.63 3.80
CA ASP B 136 -26.37 -16.05 3.99
C ASP B 136 -27.64 -16.89 3.98
N ALA B 137 -28.69 -16.42 4.64
CA ALA B 137 -29.91 -17.20 4.72
C ALA B 137 -30.45 -17.53 3.34
N PHE B 138 -30.33 -16.60 2.41
CA PHE B 138 -30.85 -16.77 1.06
C PHE B 138 -29.78 -17.10 0.03
N SER B 139 -28.55 -17.35 0.48
CA SER B 139 -27.38 -17.51 -0.40
C SER B 139 -27.31 -16.39 -1.41
N ILE B 140 -27.30 -15.16 -0.90
CA ILE B 140 -27.13 -13.98 -1.72
C ILE B 140 -25.78 -13.35 -1.42
N LYS B 141 -25.14 -12.84 -2.48
CA LYS B 141 -23.99 -11.95 -2.37
C LYS B 141 -24.28 -10.79 -1.41
N SER B 142 -23.37 -10.55 -0.47
CA SER B 142 -23.46 -9.42 0.45
C SER B 142 -22.26 -8.50 0.24
N ILE B 143 -22.44 -7.43 -0.53
CA ILE B 143 -21.39 -6.45 -0.80
C ILE B 143 -21.62 -5.24 0.10
N SER B 144 -20.61 -4.84 0.86
CA SER B 144 -20.75 -3.69 1.73
C SER B 144 -20.31 -2.40 1.06
N PHE B 145 -20.78 -1.28 1.61
CA PHE B 145 -20.43 0.04 1.12
C PHE B 145 -19.91 0.90 2.26
N LEU B 146 -18.97 1.80 1.90
CA LEU B 146 -18.33 2.76 2.80
C LEU B 146 -18.19 4.12 2.11
N PRO B 147 -18.54 5.21 2.77
CA PRO B 147 -18.23 6.54 2.23
C PRO B 147 -16.85 7.05 2.60
N ILE B 148 -16.07 6.28 3.36
CA ILE B 148 -14.73 6.71 3.80
C ILE B 148 -13.66 6.07 2.91
N ASN B 149 -12.45 6.57 3.00
CA ASN B 149 -11.43 6.12 2.07
C ASN B 149 -10.62 4.96 2.66
N ALA B 150 -9.76 4.36 1.81
CA ALA B 150 -9.02 3.16 2.20
C ALA B 150 -8.01 3.47 3.30
N HIS B 151 -7.45 4.67 3.31
CA HIS B 151 -6.57 5.05 4.40
C HIS B 151 -7.30 4.97 5.74
N SER B 152 -8.51 5.55 5.81
CA SER B 152 -9.29 5.50 7.05
C SER B 152 -9.62 4.06 7.43
N ILE B 153 -10.13 3.28 6.48
CA ILE B 153 -10.38 1.86 6.78
C ILE B 153 -9.11 1.19 7.32
N SER B 154 -7.96 1.46 6.70
CA SER B 154 -6.69 0.95 7.21
C SER B 154 -6.49 1.25 8.69
N VAL B 155 -6.52 2.52 9.07
CA VAL B 155 -6.24 2.86 10.47
C VAL B 155 -7.31 2.28 11.40
N MET B 156 -8.57 2.33 10.99
CA MET B 156 -9.65 1.89 11.85
C MET B 156 -9.60 0.38 12.09
N TRP B 157 -9.51 -0.41 11.02
CA TRP B 157 -9.50 -1.86 11.18
C TRP B 157 -8.27 -2.33 11.96
N ALA B 158 -7.20 -1.54 11.97
CA ALA B 158 -6.00 -1.98 12.65
C ALA B 158 -6.07 -1.79 14.15
N GLN B 159 -7.07 -1.04 14.64
CA GLN B 159 -7.16 -0.81 16.07
C GLN B 159 -7.42 -2.15 16.76
N GLU B 160 -6.70 -2.45 17.84
CA GLU B 160 -7.02 -3.70 18.51
C GLU B 160 -8.29 -3.62 19.37
N ASP B 161 -8.71 -2.42 19.75
CA ASP B 161 -10.00 -2.23 20.41
C ASP B 161 -10.81 -1.44 19.40
N ARG B 162 -11.66 -2.15 18.65
CA ARG B 162 -12.52 -1.53 17.66
C ARG B 162 -13.92 -1.32 18.17
N SER B 163 -14.21 -1.72 19.41
CA SER B 163 -15.55 -1.67 19.98
C SER B 163 -15.98 -0.23 20.16
N PHE B 164 -17.20 0.11 19.75
CA PHE B 164 -18.31 -0.78 19.34
C PHE B 164 -18.41 -1.09 17.85
N PHE B 165 -17.42 -0.62 17.07
CA PHE B 165 -17.36 -0.95 15.66
C PHE B 165 -16.79 -2.33 15.40
N ASN B 166 -16.55 -3.12 16.44
CA ASN B 166 -15.90 -4.40 16.21
C ASN B 166 -16.77 -5.33 15.35
N ASP B 167 -18.07 -5.42 15.67
CA ASP B 167 -18.94 -6.32 14.90
C ASP B 167 -19.01 -5.93 13.43
N LEU B 168 -19.25 -4.66 13.13
CA LEU B 168 -19.45 -4.31 11.73
C LEU B 168 -18.14 -4.34 10.94
N GLU B 169 -17.02 -4.02 11.58
CA GLU B 169 -15.72 -4.20 10.94
C GLU B 169 -15.45 -5.68 10.65
N THR B 170 -15.66 -6.55 11.64
CA THR B 170 -15.55 -7.97 11.37
C THR B 170 -16.50 -8.41 10.26
N ALA B 171 -17.76 -7.97 10.32
CA ALA B 171 -18.73 -8.38 9.31
C ALA B 171 -18.32 -7.88 7.93
N THR B 172 -17.81 -6.65 7.86
CA THR B 172 -17.36 -6.14 6.58
C THR B 172 -16.20 -6.98 6.02
N THR B 173 -15.26 -7.40 6.89
CA THR B 173 -14.18 -8.26 6.44
C THR B 173 -14.70 -9.61 5.92
N GLU B 174 -15.87 -10.03 6.39
CA GLU B 174 -16.44 -11.31 5.97
C GLU B 174 -17.38 -11.18 4.77
N SER B 175 -17.63 -9.97 4.28
CA SER B 175 -18.60 -9.82 3.22
C SER B 175 -18.02 -10.33 1.90
N TYR B 176 -18.86 -10.34 0.87
CA TYR B 176 -18.40 -10.76 -0.44
C TYR B 176 -17.36 -9.78 -0.99
N GLY B 177 -17.38 -8.53 -0.55
CA GLY B 177 -16.52 -7.50 -1.10
C GLY B 177 -16.95 -6.14 -0.62
N LEU B 178 -16.17 -5.13 -0.98
CA LEU B 178 -16.40 -3.81 -0.41
C LEU B 178 -16.25 -2.72 -1.44
N VAL B 179 -17.21 -1.79 -1.46
CA VAL B 179 -17.19 -0.61 -2.34
C VAL B 179 -16.89 0.59 -1.46
N ILE B 180 -15.99 1.46 -1.93
CA ILE B 180 -15.62 2.67 -1.19
C ILE B 180 -15.60 3.87 -2.14
N ASN B 181 -15.80 5.05 -1.56
CA ASN B 181 -15.92 6.29 -2.31
C ASN B 181 -14.56 6.98 -2.39
N SER B 182 -13.68 6.36 -3.16
CA SER B 182 -12.35 6.88 -3.39
C SER B 182 -11.92 6.39 -4.77
N PHE B 183 -10.77 6.87 -5.22
CA PHE B 183 -10.19 6.37 -6.47
C PHE B 183 -8.79 5.86 -6.19
N TYR B 184 -8.40 4.83 -6.97
CA TYR B 184 -7.22 4.03 -6.68
C TYR B 184 -5.95 4.88 -6.60
N ASP B 185 -5.71 5.71 -7.59
CA ASP B 185 -4.48 6.47 -7.70
C ASP B 185 -4.31 7.49 -6.59
N LEU B 186 -5.31 7.69 -5.74
CA LEU B 186 -5.15 8.65 -4.66
C LEU B 186 -4.41 8.04 -3.47
N GLU B 187 -4.57 6.74 -3.24
CA GLU B 187 -4.12 6.07 -2.03
C GLU B 187 -3.90 4.58 -2.32
N PRO B 188 -3.15 4.22 -3.35
CA PRO B 188 -3.11 2.80 -3.75
C PRO B 188 -2.51 1.90 -2.70
N GLU B 189 -1.46 2.35 -1.98
CA GLU B 189 -0.95 1.62 -0.81
C GLU B 189 -2.09 1.21 0.09
N PHE B 190 -3.00 2.14 0.37
CA PHE B 190 -4.04 1.88 1.35
C PHE B 190 -5.14 1.02 0.76
N VAL B 191 -5.42 1.14 -0.53
CA VAL B 191 -6.35 0.19 -1.15
C VAL B 191 -5.80 -1.22 -1.07
N GLU B 192 -4.49 -1.40 -1.32
CA GLU B 192 -3.96 -2.75 -1.29
C GLU B 192 -3.88 -3.27 0.15
N THR B 193 -3.65 -2.37 1.11
CA THR B 193 -3.70 -2.75 2.52
C THR B 193 -5.05 -3.35 2.86
N VAL B 194 -6.12 -2.65 2.50
CA VAL B 194 -7.44 -3.14 2.82
C VAL B 194 -7.69 -4.47 2.13
N LYS B 195 -7.35 -4.55 0.85
CA LYS B 195 -7.61 -5.76 0.07
C LYS B 195 -6.84 -6.97 0.61
N THR B 196 -5.58 -6.78 1.03
CA THR B 196 -4.84 -7.95 1.52
C THR B 196 -5.06 -8.24 3.01
N ARG B 197 -5.38 -7.24 3.82
CA ARG B 197 -5.22 -7.38 5.24
C ARG B 197 -6.53 -7.43 5.99
N PHE B 198 -7.64 -7.01 5.35
CA PHE B 198 -8.89 -6.75 6.03
C PHE B 198 -10.13 -7.16 5.23
N LEU B 199 -9.95 -7.91 4.14
CA LEU B 199 -11.06 -8.54 3.42
C LEU B 199 -10.72 -10.00 3.27
N ASN B 200 -11.59 -10.90 3.73
CA ASN B 200 -11.27 -12.33 3.69
C ASN B 200 -11.17 -12.84 2.26
N HIS B 201 -12.17 -12.56 1.43
CA HIS B 201 -11.94 -12.61 0.01
C HIS B 201 -11.21 -11.31 -0.34
N HIS B 202 -10.96 -10.99 -1.58
CA HIS B 202 -10.05 -9.85 -1.70
C HIS B 202 -10.56 -8.93 -2.79
N ARG B 203 -11.82 -8.55 -2.62
CA ARG B 203 -12.58 -7.76 -3.57
C ARG B 203 -12.80 -6.38 -2.95
N ILE B 204 -12.12 -5.39 -3.49
CA ILE B 204 -12.35 -4.00 -3.15
C ILE B 204 -12.55 -3.27 -4.45
N TRP B 205 -13.58 -2.44 -4.49
CA TRP B 205 -13.94 -1.67 -5.66
C TRP B 205 -13.85 -0.20 -5.26
N THR B 206 -12.84 0.51 -5.77
CA THR B 206 -12.83 1.96 -5.69
C THR B 206 -13.62 2.54 -6.85
N VAL B 207 -14.51 3.45 -6.52
CA VAL B 207 -15.63 3.82 -7.37
C VAL B 207 -15.75 5.35 -7.39
N GLY B 208 -15.00 6.02 -6.53
CA GLY B 208 -15.16 7.44 -6.37
C GLY B 208 -14.32 8.24 -7.33
N PRO B 209 -14.52 9.57 -7.33
CA PRO B 209 -15.53 10.29 -6.54
C PRO B 209 -16.97 10.10 -7.03
N LEU B 210 -17.86 9.61 -6.19
CA LEU B 210 -19.25 9.50 -6.60
C LEU B 210 -19.89 10.88 -6.71
N LEU B 211 -20.56 11.11 -7.82
CA LEU B 211 -20.98 12.48 -7.93
C LEU B 211 -22.50 12.54 -7.99
N PRO B 212 -23.11 13.63 -7.49
CA PRO B 212 -24.55 13.86 -7.69
C PRO B 212 -24.96 13.84 -9.16
N PHE B 213 -26.25 13.64 -9.37
CA PHE B 213 -26.87 13.58 -10.68
C PHE B 213 -27.88 14.72 -10.92
N GLY B 221 -32.63 23.32 -2.19
CA GLY B 221 -33.22 23.00 -0.91
C GLY B 221 -34.11 24.14 -0.44
N GLN B 222 -34.37 24.20 0.86
CA GLN B 222 -34.87 25.41 1.49
C GLN B 222 -33.95 25.77 2.65
N SER B 223 -33.95 27.05 3.01
CA SER B 223 -32.76 27.73 3.47
C SER B 223 -33.12 29.18 3.77
N SER B 224 -32.19 29.90 4.42
CA SER B 224 -32.44 31.31 4.72
C SER B 224 -32.21 32.20 3.50
N ILE B 225 -31.34 31.77 2.58
CA ILE B 225 -31.12 32.45 1.30
C ILE B 225 -31.28 31.43 0.20
N PRO B 226 -32.02 31.72 -0.86
CA PRO B 226 -32.32 30.70 -1.87
C PRO B 226 -31.11 30.46 -2.75
N PRO B 227 -30.98 29.25 -3.33
CA PRO B 227 -29.80 28.97 -4.17
C PRO B 227 -29.65 29.91 -5.36
N ALA B 228 -30.74 30.39 -5.95
CA ALA B 228 -30.67 31.22 -7.14
C ALA B 228 -30.08 32.60 -6.87
N LYS B 229 -30.15 33.08 -5.61
CA LYS B 229 -29.64 34.39 -5.19
C LYS B 229 -28.17 34.39 -4.80
N VAL B 230 -27.69 33.34 -4.12
CA VAL B 230 -26.27 33.27 -3.78
C VAL B 230 -25.43 33.25 -5.04
N SER B 231 -25.82 32.44 -6.03
CA SER B 231 -25.11 32.39 -7.30
C SER B 231 -25.12 33.75 -7.99
N ALA B 232 -26.16 34.54 -7.78
CA ALA B 232 -26.13 35.91 -8.27
C ALA B 232 -25.06 36.73 -7.55
N TRP B 233 -24.82 36.44 -6.28
CA TRP B 233 -23.78 37.14 -5.54
C TRP B 233 -22.40 36.67 -5.95
N LEU B 234 -22.28 35.36 -6.24
CA LEU B 234 -21.02 34.81 -6.74
C LEU B 234 -20.65 35.44 -8.06
N ASP B 235 -21.60 35.53 -8.99
CA ASP B 235 -21.33 36.21 -10.25
C ASP B 235 -21.05 37.69 -10.02
N SER B 236 -21.40 38.23 -8.84
CA SER B 236 -21.03 39.60 -8.52
C SER B 236 -19.52 39.72 -8.28
N CYS B 237 -18.88 38.63 -7.88
CA CYS B 237 -17.46 38.63 -7.58
C CYS B 237 -16.67 38.77 -8.88
N PRO B 238 -15.83 39.81 -9.02
CA PRO B 238 -15.17 40.05 -10.31
C PRO B 238 -14.01 39.11 -10.59
N GLU B 239 -13.24 38.81 -9.55
CA GLU B 239 -12.00 38.06 -9.71
C GLU B 239 -12.28 36.57 -9.58
N ASP B 240 -11.74 35.77 -10.50
CA ASP B 240 -11.82 34.35 -10.29
C ASP B 240 -11.01 33.94 -9.07
N ASN B 241 -11.39 32.81 -8.47
CA ASN B 241 -10.49 32.14 -7.54
C ASN B 241 -10.14 33.07 -6.38
N SER B 242 -11.17 33.64 -5.74
CA SER B 242 -10.97 34.80 -4.87
C SER B 242 -11.90 34.85 -3.65
N VAL B 243 -12.73 33.85 -3.43
CA VAL B 243 -13.71 33.88 -2.35
C VAL B 243 -13.54 32.58 -1.58
N VAL B 244 -13.55 32.67 -0.25
CA VAL B 244 -13.24 31.53 0.61
C VAL B 244 -14.55 31.08 1.25
N TYR B 245 -14.89 29.80 1.06
CA TYR B 245 -16.14 29.27 1.57
C TYR B 245 -15.87 28.58 2.90
N VAL B 246 -16.52 29.05 3.96
CA VAL B 246 -16.39 28.46 5.28
C VAL B 246 -17.69 27.70 5.55
N GLY B 247 -17.62 26.37 5.52
CA GLY B 247 -18.80 25.58 5.76
C GLY B 247 -18.53 24.30 6.52
N PHE B 248 -18.87 24.26 7.79
CA PHE B 248 -18.62 23.08 8.59
C PHE B 248 -19.85 22.18 8.54
N GLY B 249 -19.63 20.92 8.23
CA GLY B 249 -20.70 19.98 7.96
C GLY B 249 -20.89 18.98 9.07
N SER B 250 -19.86 18.81 9.90
CA SER B 250 -19.91 17.90 11.03
C SER B 250 -21.12 18.17 11.93
N GLN B 251 -21.43 17.23 12.83
CA GLN B 251 -22.46 17.53 13.81
C GLN B 251 -21.94 18.56 14.80
N ILE B 252 -20.63 18.54 15.11
CA ILE B 252 -20.06 19.40 16.13
C ILE B 252 -20.08 20.85 15.64
N ARG B 253 -20.59 21.74 16.50
CA ARG B 253 -20.64 23.18 16.32
C ARG B 253 -19.50 23.83 17.10
N LEU B 254 -19.26 25.12 16.85
CA LEU B 254 -18.12 25.73 17.51
C LEU B 254 -18.58 26.47 18.77
N THR B 255 -17.63 26.67 19.68
CA THR B 255 -17.91 27.44 20.87
C THR B 255 -18.12 28.90 20.51
N ALA B 256 -18.85 29.61 21.37
CA ALA B 256 -18.93 31.05 21.24
C ALA B 256 -17.54 31.67 21.11
N GLU B 257 -16.53 31.06 21.73
CA GLU B 257 -15.18 31.61 21.67
C GLU B 257 -14.54 31.33 20.31
N GLN B 258 -14.76 30.14 19.78
CA GLN B 258 -14.21 29.79 18.47
C GLN B 258 -14.95 30.51 17.35
N THR B 259 -16.29 30.55 17.43
CA THR B 259 -17.08 31.32 16.47
C THR B 259 -16.66 32.78 16.45
N ALA B 260 -16.37 33.34 17.63
CA ALA B 260 -15.95 34.74 17.70
C ALA B 260 -14.53 34.93 17.19
N ALA B 261 -13.65 33.94 17.36
CA ALA B 261 -12.30 34.06 16.84
C ALA B 261 -12.31 34.00 15.32
N LEU B 262 -12.97 32.99 14.77
CA LEU B 262 -13.06 32.83 13.32
C LEU B 262 -13.75 34.03 12.67
N ALA B 263 -14.79 34.58 13.32
CA ALA B 263 -15.48 35.73 12.76
C ALA B 263 -14.56 36.93 12.67
N ALA B 264 -13.69 37.11 13.66
CA ALA B 264 -12.69 38.17 13.59
C ALA B 264 -11.64 37.88 12.52
N ALA B 265 -11.32 36.60 12.31
CA ALA B 265 -10.39 36.23 11.23
C ALA B 265 -10.98 36.61 9.87
N LEU B 266 -12.25 36.26 9.62
CA LEU B 266 -12.91 36.63 8.38
C LEU B 266 -12.99 38.15 8.22
N GLU B 267 -13.22 38.87 9.33
CA GLU B 267 -13.32 40.33 9.26
C GLU B 267 -11.97 40.96 8.90
N LYS B 268 -10.92 40.62 9.63
CA LYS B 268 -9.60 41.17 9.32
C LYS B 268 -9.09 40.71 7.96
N SER B 269 -9.52 39.54 7.50
CA SER B 269 -9.00 39.00 6.25
C SER B 269 -9.30 39.92 5.06
N SER B 270 -10.45 40.59 5.07
CA SER B 270 -10.90 41.47 3.99
C SER B 270 -10.95 40.76 2.63
N VAL B 271 -10.95 39.41 2.67
CA VAL B 271 -11.32 38.63 1.50
C VAL B 271 -12.84 38.55 1.41
N ARG B 272 -13.33 38.29 0.21
CA ARG B 272 -14.74 37.94 0.07
C ARG B 272 -14.94 36.51 0.53
N PHE B 273 -16.02 36.26 1.27
CA PHE B 273 -16.26 34.93 1.84
C PHE B 273 -17.75 34.62 1.88
N ILE B 274 -18.06 33.33 1.99
CA ILE B 274 -19.41 32.86 2.30
C ILE B 274 -19.33 31.94 3.52
N TRP B 275 -19.93 32.36 4.63
CA TRP B 275 -19.94 31.56 5.86
C TRP B 275 -21.30 30.89 6.01
N ALA B 276 -21.33 29.57 5.85
CA ALA B 276 -22.56 28.80 5.98
C ALA B 276 -22.63 28.24 7.40
N VAL B 277 -23.47 28.84 8.22
CA VAL B 277 -23.80 28.32 9.54
C VAL B 277 -25.17 27.66 9.44
N ARG B 278 -25.34 26.51 10.06
CA ARG B 278 -26.52 25.67 9.85
C ARG B 278 -27.46 25.72 11.05
N ASP B 279 -27.72 26.93 11.54
CA ASP B 279 -28.51 27.13 12.74
C ASP B 279 -29.92 26.57 12.57
N PRO B 297 -25.20 34.72 17.71
CA PRO B 297 -24.16 33.72 17.37
C PRO B 297 -22.95 34.31 16.63
N ALA B 298 -23.15 35.30 15.75
CA ALA B 298 -22.05 35.96 15.07
C ALA B 298 -21.63 37.26 15.74
N GLY B 299 -22.55 38.24 15.84
CA GLY B 299 -22.29 39.46 16.58
C GLY B 299 -22.98 40.74 16.09
N PHE B 300 -22.18 41.79 15.89
CA PHE B 300 -22.49 42.95 15.07
C PHE B 300 -22.28 42.70 13.58
N GLU B 301 -21.56 41.63 13.21
CA GLU B 301 -20.76 41.58 12.00
C GLU B 301 -21.49 41.15 10.73
N GLU B 302 -22.77 40.77 10.82
CA GLU B 302 -23.50 40.48 9.59
C GLU B 302 -23.64 41.74 8.73
N ARG B 303 -23.85 42.89 9.37
CA ARG B 303 -24.08 44.13 8.63
C ARG B 303 -22.81 44.94 8.36
N VAL B 304 -21.72 44.72 9.13
CA VAL B 304 -20.49 45.46 8.87
C VAL B 304 -19.85 45.04 7.56
N LYS B 305 -19.53 43.77 7.42
CA LYS B 305 -18.72 43.34 6.28
C LYS B 305 -19.61 42.82 5.17
N GLU B 306 -19.88 43.68 4.18
CA GLU B 306 -20.51 43.28 2.92
C GLU B 306 -19.52 42.76 1.89
N LYS B 307 -18.41 42.18 2.37
CA LYS B 307 -17.61 41.26 1.59
C LYS B 307 -18.01 39.82 1.85
N GLY B 308 -18.70 39.55 2.97
CA GLY B 308 -19.10 38.22 3.35
C GLY B 308 -20.61 38.02 3.29
N LEU B 309 -21.01 36.77 3.08
CA LEU B 309 -22.41 36.37 2.99
C LEU B 309 -22.66 35.18 3.91
N VAL B 310 -23.59 35.38 4.85
CA VAL B 310 -23.91 34.41 5.90
C VAL B 310 -25.25 33.76 5.55
N ILE B 311 -25.26 32.43 5.48
CA ILE B 311 -26.47 31.70 5.14
C ILE B 311 -26.83 30.79 6.32
N ARG B 312 -28.09 30.88 6.77
CA ARG B 312 -28.61 30.00 7.82
C ARG B 312 -29.38 28.88 7.14
N GLY B 313 -29.06 27.64 7.48
CA GLY B 313 -29.73 26.50 6.88
C GLY B 313 -29.01 25.85 5.71
N TRP B 314 -29.79 25.21 4.84
CA TRP B 314 -29.22 24.46 3.72
C TRP B 314 -28.45 25.40 2.80
N ALA B 315 -27.29 24.94 2.35
CA ALA B 315 -26.40 25.73 1.50
C ALA B 315 -26.08 24.96 0.24
N PRO B 316 -26.08 25.63 -0.92
CA PRO B 316 -25.75 24.96 -2.20
C PRO B 316 -24.26 24.71 -2.32
N GLN B 317 -23.78 23.71 -1.58
CA GLN B 317 -22.35 23.47 -1.49
C GLN B 317 -21.77 23.05 -2.84
N THR B 318 -22.39 22.03 -3.44
CA THR B 318 -21.97 21.55 -4.75
C THR B 318 -21.82 22.68 -5.75
N MET B 319 -22.73 23.63 -5.73
CA MET B 319 -22.66 24.75 -6.67
C MET B 319 -21.54 25.72 -6.29
N ILE B 320 -21.30 25.91 -4.98
CA ILE B 320 -20.39 26.96 -4.54
C ILE B 320 -18.94 26.60 -4.85
N LEU B 321 -18.52 25.39 -4.45
CA LEU B 321 -17.12 25.03 -4.63
C LEU B 321 -16.74 24.88 -6.10
N GLU B 322 -17.72 24.62 -6.98
CA GLU B 322 -17.47 24.50 -8.41
C GLU B 322 -17.52 25.83 -9.11
N HIS B 323 -17.90 26.90 -8.42
CA HIS B 323 -17.89 28.22 -9.04
C HIS B 323 -16.45 28.73 -9.08
N ARG B 324 -16.07 29.31 -10.21
CA ARG B 324 -14.67 29.73 -10.34
C ARG B 324 -14.30 30.81 -9.34
N ALA B 325 -15.29 31.59 -8.88
CA ALA B 325 -15.02 32.69 -7.96
C ALA B 325 -14.58 32.21 -6.57
N VAL B 326 -14.74 30.92 -6.27
CA VAL B 326 -14.41 30.36 -4.96
C VAL B 326 -13.12 29.56 -5.11
N GLY B 327 -12.12 29.92 -4.31
CA GLY B 327 -10.80 29.35 -4.49
C GLY B 327 -10.23 28.62 -3.29
N SER B 328 -10.92 28.68 -2.14
CA SER B 328 -10.49 27.92 -0.98
C SER B 328 -11.71 27.62 -0.11
N TYR B 329 -11.54 26.63 0.77
CA TYR B 329 -12.67 26.00 1.46
C TYR B 329 -12.21 25.61 2.85
N LEU B 330 -12.79 26.24 3.87
CA LEU B 330 -12.46 25.96 5.27
C LEU B 330 -13.40 24.89 5.78
N THR B 331 -12.82 23.75 6.17
CA THR B 331 -13.61 22.55 6.41
C THR B 331 -12.99 21.76 7.57
N HIS B 332 -13.77 20.85 8.15
CA HIS B 332 -13.20 19.92 9.12
C HIS B 332 -12.48 18.78 8.43
N LEU B 333 -12.67 18.65 7.12
CA LEU B 333 -11.97 17.69 6.28
C LEU B 333 -12.52 16.28 6.49
N GLY B 334 -13.86 16.18 6.62
CA GLY B 334 -14.54 14.93 6.29
C GLY B 334 -14.35 14.57 4.82
N TRP B 335 -14.56 13.28 4.51
CA TRP B 335 -14.18 12.78 3.19
C TRP B 335 -15.03 13.41 2.08
N GLY B 336 -16.35 13.44 2.25
CA GLY B 336 -17.19 14.14 1.29
C GLY B 336 -16.75 15.57 1.04
N SER B 337 -16.30 16.28 2.07
CA SER B 337 -15.73 17.61 1.86
C SER B 337 -14.45 17.56 1.04
N VAL B 338 -13.59 16.56 1.27
CA VAL B 338 -12.35 16.47 0.51
C VAL B 338 -12.65 16.28 -0.97
N LEU B 339 -13.59 15.38 -1.30
CA LEU B 339 -13.86 15.09 -2.71
C LEU B 339 -14.63 16.22 -3.37
N GLU B 340 -15.48 16.91 -2.60
CA GLU B 340 -16.12 18.10 -3.12
C GLU B 340 -15.07 19.15 -3.47
N GLY B 341 -14.15 19.45 -2.54
CA GLY B 341 -13.14 20.46 -2.80
C GLY B 341 -12.16 20.04 -3.89
N MET B 342 -11.75 18.77 -3.89
CA MET B 342 -10.90 18.28 -4.96
C MET B 342 -11.58 18.47 -6.32
N VAL B 343 -12.78 17.93 -6.47
CA VAL B 343 -13.43 17.99 -7.77
C VAL B 343 -13.75 19.45 -8.14
N GLY B 344 -14.11 20.26 -7.15
CA GLY B 344 -14.31 21.68 -7.38
C GLY B 344 -13.04 22.49 -7.54
N GLY B 345 -11.91 21.89 -7.20
CA GLY B 345 -10.61 22.51 -7.36
C GLY B 345 -10.37 23.73 -6.51
N VAL B 346 -10.38 23.58 -5.19
CA VAL B 346 -10.15 24.70 -4.30
C VAL B 346 -9.11 24.28 -3.28
N MET B 347 -8.52 25.28 -2.62
CA MET B 347 -7.61 25.03 -1.51
C MET B 347 -8.42 24.58 -0.30
N LEU B 348 -8.11 23.40 0.22
CA LEU B 348 -8.76 22.91 1.43
C LEU B 348 -7.97 23.40 2.64
N LEU B 349 -8.59 24.24 3.45
CA LEU B 349 -8.03 24.60 4.74
C LEU B 349 -8.64 23.68 5.80
N ALA B 350 -7.82 22.86 6.43
CA ALA B 350 -8.30 21.78 7.28
C ALA B 350 -8.37 22.20 8.74
N TRP B 351 -9.49 21.88 9.39
CA TRP B 351 -9.63 22.04 10.84
C TRP B 351 -10.31 20.79 11.38
N PRO B 352 -9.55 19.71 11.54
CA PRO B 352 -10.17 18.43 11.92
C PRO B 352 -10.64 18.43 13.36
N MET B 353 -11.77 17.76 13.62
CA MET B 353 -12.20 17.59 15.01
C MET B 353 -12.70 16.20 15.37
N GLN B 354 -13.19 15.39 14.44
CA GLN B 354 -13.58 14.02 14.72
C GLN B 354 -12.68 13.05 13.96
N ALA B 355 -12.70 11.78 14.39
CA ALA B 355 -11.64 10.82 14.02
C ALA B 355 -11.35 10.82 12.53
N ASP B 356 -12.40 10.71 11.70
CA ASP B 356 -12.23 10.64 10.25
C ASP B 356 -11.47 11.86 9.73
N HIS B 357 -11.75 13.03 10.33
CA HIS B 357 -11.07 14.26 9.93
C HIS B 357 -9.56 14.17 10.09
N PHE B 358 -9.09 13.53 11.17
CA PHE B 358 -7.65 13.42 11.40
C PHE B 358 -7.00 12.42 10.45
N PHE B 359 -7.64 11.29 10.19
CA PHE B 359 -7.11 10.38 9.18
C PHE B 359 -6.92 11.11 7.85
N ASN B 360 -7.90 11.93 7.46
CA ASN B 360 -7.84 12.62 6.18
C ASN B 360 -6.79 13.70 6.20
N THR B 361 -6.60 14.33 7.36
CA THR B 361 -5.51 15.28 7.53
C THR B 361 -4.16 14.60 7.34
N THR B 362 -4.00 13.43 7.96
CA THR B 362 -2.80 12.63 7.72
C THR B 362 -2.59 12.37 6.24
N LEU B 363 -3.65 12.02 5.53
CA LEU B 363 -3.51 11.67 4.13
C LEU B 363 -3.30 12.90 3.25
N ILE B 364 -4.20 13.88 3.36
CA ILE B 364 -4.27 14.96 2.39
C ILE B 364 -3.25 16.05 2.70
N VAL B 365 -3.03 16.34 3.97
CA VAL B 365 -2.07 17.37 4.36
C VAL B 365 -0.69 16.73 4.52
N ASP B 366 -0.53 15.84 5.50
CA ASP B 366 0.78 15.34 5.87
C ASP B 366 1.41 14.50 4.76
N LYS B 367 0.69 13.51 4.25
CA LYS B 367 1.31 12.61 3.28
C LYS B 367 1.26 13.17 1.88
N LEU B 368 0.15 13.80 1.46
CA LEU B 368 0.06 14.25 0.08
C LEU B 368 0.34 15.73 -0.10
N ARG B 369 0.39 16.51 0.98
CA ARG B 369 0.60 17.95 0.92
C ARG B 369 -0.24 18.60 -0.17
N ALA B 370 -1.54 18.28 -0.10
CA ALA B 370 -2.55 18.80 -1.00
C ALA B 370 -3.56 19.68 -0.26
N ALA B 371 -3.25 20.07 0.98
CA ALA B 371 -4.09 20.93 1.79
C ALA B 371 -3.26 21.50 2.93
N VAL B 372 -3.78 22.57 3.56
CA VAL B 372 -3.09 23.28 4.64
C VAL B 372 -3.89 23.15 5.93
N ARG B 373 -3.20 22.94 7.04
CA ARG B 373 -3.84 22.82 8.35
C ARG B 373 -3.93 24.19 9.02
N VAL B 374 -5.15 24.61 9.36
CA VAL B 374 -5.38 25.86 10.08
C VAL B 374 -5.90 25.64 11.49
N GLY B 375 -6.35 24.45 11.83
CA GLY B 375 -6.83 24.17 13.16
C GLY B 375 -6.23 22.88 13.64
N GLU B 376 -6.09 22.78 14.96
CA GLU B 376 -5.52 21.59 15.57
C GLU B 376 -6.59 20.54 15.85
N ASN B 377 -7.54 20.86 16.72
CA ASN B 377 -8.56 19.90 17.11
C ASN B 377 -9.82 20.64 17.55
N ARG B 378 -10.74 19.88 18.16
CA ARG B 378 -12.06 20.37 18.49
C ARG B 378 -12.06 21.41 19.61
N ASP B 379 -10.94 21.62 20.30
CA ASP B 379 -10.89 22.64 21.34
C ASP B 379 -9.94 23.79 21.02
N SER B 380 -9.34 23.80 19.84
CA SER B 380 -8.43 24.87 19.44
C SER B 380 -9.18 26.19 19.30
N VAL B 381 -8.48 27.27 19.61
CA VAL B 381 -9.00 28.60 19.31
C VAL B 381 -7.93 29.28 18.46
N PRO B 382 -8.16 29.49 17.18
CA PRO B 382 -7.09 30.05 16.33
C PRO B 382 -6.80 31.50 16.69
N ASP B 383 -5.57 31.92 16.39
CA ASP B 383 -5.21 33.32 16.57
C ASP B 383 -5.77 34.13 15.43
N SER B 384 -6.50 35.20 15.78
CA SER B 384 -7.40 35.84 14.83
C SER B 384 -6.69 36.40 13.61
N ASP B 385 -5.43 36.86 13.74
CA ASP B 385 -4.76 37.54 12.64
C ASP B 385 -3.55 36.80 12.08
N LYS B 386 -3.19 35.63 12.59
CA LYS B 386 -2.36 34.70 11.83
C LYS B 386 -3.20 33.69 11.09
N LEU B 387 -4.52 33.71 11.28
CA LEU B 387 -5.48 33.03 10.43
C LEU B 387 -6.10 33.94 9.38
N ALA B 388 -6.41 35.19 9.74
CA ALA B 388 -6.82 36.14 8.72
C ALA B 388 -5.70 36.32 7.69
N ARG B 389 -4.44 36.36 8.14
CA ARG B 389 -3.30 36.21 7.23
C ARG B 389 -3.48 34.96 6.37
N ILE B 390 -3.85 33.84 6.99
CA ILE B 390 -3.94 32.56 6.25
C ILE B 390 -4.95 32.63 5.11
N LEU B 391 -6.12 33.21 5.34
CA LEU B 391 -7.22 33.15 4.37
C LEU B 391 -6.93 33.99 3.13
N ALA B 392 -6.52 35.25 3.32
CA ALA B 392 -6.29 36.17 2.19
C ALA B 392 -5.14 35.72 1.29
N GLU B 393 -4.34 34.75 1.70
CA GLU B 393 -3.32 34.16 0.84
C GLU B 393 -3.71 32.75 0.39
N SER B 394 -4.88 32.25 0.78
CA SER B 394 -5.21 30.85 0.57
C SER B 394 -5.78 30.57 -0.82
N ALA B 395 -6.59 31.49 -1.35
CA ALA B 395 -7.14 31.27 -2.67
C ALA B 395 -6.09 31.43 -3.77
N ARG B 396 -4.88 31.85 -3.44
CA ARG B 396 -3.86 32.16 -4.44
C ARG B 396 -3.45 30.91 -5.21
N GLU B 397 -3.45 30.99 -6.55
CA GLU B 397 -3.21 29.80 -7.37
C GLU B 397 -1.77 29.31 -7.27
N ASP B 398 -0.86 30.16 -6.79
CA ASP B 398 0.58 29.87 -6.74
C ASP B 398 0.97 28.79 -5.73
N LEU B 399 0.11 28.52 -4.67
CA LEU B 399 0.67 27.82 -3.52
C LEU B 399 0.84 26.34 -3.82
N PRO B 400 1.95 25.75 -3.36
CA PRO B 400 2.26 24.36 -3.75
C PRO B 400 1.13 23.41 -3.44
N GLU B 401 0.41 23.67 -2.35
CA GLU B 401 -0.71 22.80 -2.00
C GLU B 401 -1.80 22.85 -3.05
N ARG B 402 -2.11 24.03 -3.59
CA ARG B 402 -3.14 24.11 -4.61
C ARG B 402 -2.72 23.34 -5.85
N VAL B 403 -1.46 23.49 -6.25
CA VAL B 403 -1.01 22.81 -7.46
C VAL B 403 -1.03 21.29 -7.27
N THR B 404 -0.72 20.79 -6.07
CA THR B 404 -0.85 19.35 -5.86
C THR B 404 -2.31 18.93 -5.89
N LEU B 405 -3.18 19.69 -5.22
CA LEU B 405 -4.60 19.42 -5.26
C LEU B 405 -5.12 19.41 -6.70
N MET B 406 -4.57 20.28 -7.55
CA MET B 406 -5.00 20.29 -8.94
C MET B 406 -4.57 19.03 -9.67
N LYS B 407 -3.33 18.57 -9.44
CA LYS B 407 -2.90 17.32 -10.05
C LYS B 407 -3.77 16.17 -9.57
N LEU B 408 -4.19 16.21 -8.31
CA LEU B 408 -5.10 15.17 -7.83
C LEU B 408 -6.45 15.26 -8.52
N ARG B 409 -6.87 16.47 -8.88
CA ARG B 409 -8.19 16.62 -9.47
C ARG B 409 -8.27 15.98 -10.86
N GLU B 410 -7.20 16.11 -11.66
CA GLU B 410 -7.10 15.48 -12.98
C GLU B 410 -7.09 13.96 -12.83
N LYS B 411 -6.33 13.46 -11.84
CA LYS B 411 -6.40 12.05 -11.52
C LYS B 411 -7.84 11.63 -11.22
N ALA B 412 -8.58 12.44 -10.44
CA ALA B 412 -9.95 12.06 -10.07
C ALA B 412 -10.89 12.06 -11.27
N MET B 413 -10.72 13.02 -12.19
CA MET B 413 -11.55 13.07 -13.39
C MET B 413 -11.32 11.83 -14.22
N GLU B 414 -10.06 11.45 -14.40
CA GLU B 414 -9.73 10.26 -15.16
C GLU B 414 -10.31 9.00 -14.55
N ALA B 415 -10.41 8.94 -13.23
CA ALA B 415 -10.96 7.74 -12.60
C ALA B 415 -12.42 7.53 -12.98
N ILE B 416 -13.21 8.60 -13.16
CA ILE B 416 -14.64 8.43 -13.45
C ILE B 416 -14.98 8.54 -14.94
N LYS B 417 -14.14 9.17 -15.76
CA LYS B 417 -14.29 9.11 -17.21
C LYS B 417 -14.12 7.67 -17.69
N GLU B 418 -14.59 7.41 -18.91
CA GLU B 418 -14.36 6.11 -19.52
C GLU B 418 -12.86 5.79 -19.62
N GLY B 419 -12.51 4.57 -19.19
CA GLY B 419 -11.14 4.13 -19.13
C GLY B 419 -10.51 4.20 -17.75
N GLY B 420 -11.04 5.06 -16.89
CA GLY B 420 -10.52 5.20 -15.54
C GLY B 420 -10.87 4.04 -14.65
N SER B 421 -10.16 3.95 -13.53
CA SER B 421 -10.29 2.76 -12.72
C SER B 421 -11.63 2.72 -12.00
N SER B 422 -12.13 3.89 -11.55
CA SER B 422 -13.46 3.91 -10.93
C SER B 422 -14.54 3.52 -11.95
N TYR B 423 -14.49 4.09 -13.15
CA TYR B 423 -15.46 3.68 -14.17
C TYR B 423 -15.40 2.19 -14.41
N LYS B 424 -14.19 1.65 -14.67
CA LYS B 424 -14.06 0.23 -14.91
C LYS B 424 -14.53 -0.57 -13.70
N ASN B 425 -14.24 -0.10 -12.49
CA ASN B 425 -14.71 -0.80 -11.30
C ASN B 425 -16.22 -0.75 -11.16
N LEU B 426 -16.87 0.29 -11.69
CA LEU B 426 -18.33 0.30 -11.68
C LEU B 426 -18.89 -0.75 -12.64
N ASP B 427 -18.32 -0.81 -13.85
CA ASP B 427 -18.72 -1.84 -14.81
C ASP B 427 -18.52 -3.23 -14.23
N GLU B 428 -17.36 -3.46 -13.63
CA GLU B 428 -17.04 -4.80 -13.17
C GLU B 428 -17.90 -5.22 -11.99
N LEU B 429 -18.26 -4.28 -11.12
CA LEU B 429 -19.07 -4.63 -9.96
C LEU B 429 -20.45 -5.12 -10.38
N VAL B 430 -21.03 -4.51 -11.41
CA VAL B 430 -22.35 -4.93 -11.85
C VAL B 430 -22.28 -6.29 -12.54
N ALA B 431 -21.24 -6.54 -13.33
CA ALA B 431 -21.11 -7.87 -13.89
C ALA B 431 -20.84 -8.89 -12.80
N GLU B 432 -20.16 -8.48 -11.74
CA GLU B 432 -19.86 -9.38 -10.65
C GLU B 432 -21.13 -9.76 -9.89
N MET B 433 -22.01 -8.79 -9.63
CA MET B 433 -23.22 -9.08 -8.88
C MET B 433 -24.13 -10.09 -9.60
N CYS B 434 -23.93 -10.31 -10.90
CA CYS B 434 -24.68 -11.34 -11.58
C CYS B 434 -24.20 -12.74 -11.24
N LEU B 435 -22.97 -12.88 -10.73
CA LEU B 435 -22.40 -14.21 -10.49
C LEU B 435 -23.07 -14.97 -9.36
#